data_1XNY
#
_entry.id   1XNY
#
_cell.length_a   166.742
_cell.length_b   166.742
_cell.length_c   79.222
_cell.angle_alpha   90.00
_cell.angle_beta   90.00
_cell.angle_gamma   120.00
#
_symmetry.space_group_name_H-M   'P 63'
#
loop_
_entity.id
_entity.type
_entity.pdbx_description
1 polymer 'propionyl-CoA carboxylase complex B subunit'
2 non-polymer 'propionyl Coenzyme A'
3 non-polymer BIOTIN
4 water water
#
_entity_poly.entity_id   1
_entity_poly.type   'polypeptide(L)'
_entity_poly.pdbx_seq_one_letter_code
;MSEPEEQQPDIHTTAGKLADLRRRIEEATHAGSARAVEKQHAKGKLTARERIDLLLDEGSFVELDEFARHRSTNFGLDAN
RPYGDGVVTGYGTVDGRPVAVFSQDFTVFGGALGEVYGQKIVKVMDFALKTGCPVVGINDSGGARIQEGVASLGAYGEIF
RRNTHASGVIPQISLVVGPCAGGAVYSPAITDFTVMVDQTSHMFITGPDVIKTVTGEDVGFEELGGARTHNSTSGVAHHM
AGDEKDAVEYVKQLLSYLPSNNLSEPPAFPEEADLAVTDEDAELDTIVPDSANQPYDMHSVIEHVLDDAEFFETQPLFAP
NILTGFGRVEGRPVGIVANQPMQFAGCLDITASEKAARFVRTCDAFNVPVLTFVDVPGFLPGVDQEHDGIIRRGAKLIFA
YAEATVPLITVITRKAFGGAYDVMGSKHLGADLNLAWPTAQIAVMGAQGAVNILHRRTIADAGDDAEATRARLIQEYEDA
LLNPYTAAERGYVDAVIMPSDTRRHIVRGLRQLRTKRESLPPKKHGNIPL
;
_entity_poly.pdbx_strand_id   A,B
#
loop_
_chem_comp.id
_chem_comp.type
_chem_comp.name
_chem_comp.formula
1VU non-polymer 'propionyl Coenzyme A' 'C24 H40 N7 O17 P3 S'
BTN non-polymer BIOTIN 'C10 H16 N2 O3 S'
#
# COMPACT_ATOMS: atom_id res chain seq x y z
N ASP A 10 54.27 27.65 8.71
CA ASP A 10 53.98 28.80 7.82
C ASP A 10 52.53 28.71 7.37
N ILE A 11 52.27 29.07 6.11
CA ILE A 11 50.93 29.03 5.55
C ILE A 11 51.01 29.43 4.07
N HIS A 12 51.98 30.29 3.77
CA HIS A 12 52.19 30.76 2.40
C HIS A 12 53.06 29.77 1.63
N THR A 13 53.47 28.70 2.30
CA THR A 13 54.30 27.67 1.68
C THR A 13 53.43 26.43 1.48
N THR A 14 53.87 25.53 0.62
CA THR A 14 53.14 24.31 0.35
C THR A 14 53.03 23.45 1.60
N ALA A 15 54.16 23.24 2.26
CA ALA A 15 54.19 22.43 3.48
C ALA A 15 53.23 23.00 4.52
N GLY A 16 53.13 24.32 4.58
CA GLY A 16 52.24 24.94 5.54
C GLY A 16 50.78 24.68 5.22
N LYS A 17 50.46 24.55 3.93
CA LYS A 17 49.09 24.29 3.53
C LYS A 17 48.73 22.85 3.87
N LEU A 18 49.71 21.95 3.77
CA LEU A 18 49.44 20.55 4.09
C LEU A 18 49.19 20.44 5.59
N ALA A 19 50.05 21.09 6.38
CA ALA A 19 49.91 21.08 7.84
C ALA A 19 48.56 21.70 8.20
N ASP A 20 48.17 22.71 7.43
CA ASP A 20 46.88 23.38 7.67
C ASP A 20 45.75 22.38 7.44
N LEU A 21 45.84 21.62 6.36
CA LEU A 21 44.83 20.62 6.05
C LEU A 21 44.71 19.61 7.19
N ARG A 22 45.85 19.11 7.66
CA ARG A 22 45.86 18.14 8.74
C ARG A 22 45.10 18.65 9.96
N ARG A 23 45.27 19.94 10.27
CA ARG A 23 44.57 20.54 11.40
C ARG A 23 43.06 20.53 11.17
N ARG A 24 42.64 20.94 9.98
CA ARG A 24 41.22 20.97 9.67
C ARG A 24 40.66 19.55 9.73
N ILE A 25 41.42 18.58 9.26
CA ILE A 25 40.98 17.19 9.30
C ILE A 25 40.66 16.79 10.72
N GLU A 26 41.55 17.15 11.64
CA GLU A 26 41.40 16.86 13.06
C GLU A 26 40.14 17.54 13.61
N GLU A 27 39.91 18.78 13.20
CA GLU A 27 38.74 19.51 13.65
C GLU A 27 37.45 18.90 13.08
N ALA A 28 37.50 18.47 11.83
CA ALA A 28 36.35 17.88 11.17
C ALA A 28 35.98 16.52 11.75
N THR A 29 36.99 15.68 12.00
CA THR A 29 36.76 14.35 12.54
C THR A 29 36.30 14.39 13.98
N HIS A 30 36.40 15.56 14.60
CA HIS A 30 35.98 15.75 15.99
C HIS A 30 35.05 16.95 16.04
N ALA A 31 34.08 16.98 15.14
CA ALA A 31 33.11 18.08 15.06
C ALA A 31 32.35 18.32 16.36
N GLY A 32 31.78 17.26 16.93
CA GLY A 32 31.05 17.39 18.17
C GLY A 32 31.99 17.64 19.33
N SER A 33 31.53 18.36 20.34
CA SER A 33 32.34 18.65 21.52
C SER A 33 32.55 17.40 22.35
N ALA A 34 33.55 17.44 23.23
CA ALA A 34 33.87 16.31 24.08
C ALA A 34 32.70 15.95 24.99
N ARG A 35 32.07 16.97 25.59
CA ARG A 35 30.95 16.72 26.47
C ARG A 35 29.78 16.12 25.68
N ALA A 36 29.61 16.57 24.45
CA ALA A 36 28.54 16.07 23.59
C ALA A 36 28.77 14.58 23.36
N VAL A 37 29.98 14.23 22.98
CA VAL A 37 30.33 12.83 22.74
C VAL A 37 30.12 12.05 24.05
N GLU A 38 30.46 12.68 25.16
CA GLU A 38 30.33 12.08 26.49
C GLU A 38 28.87 11.74 26.76
N LYS A 39 27.99 12.69 26.47
CA LYS A 39 26.56 12.50 26.66
C LYS A 39 26.07 11.35 25.78
N GLN A 40 26.53 11.32 24.52
CA GLN A 40 26.14 10.27 23.57
C GLN A 40 26.49 8.89 24.13
N HIS A 41 27.76 8.70 24.49
CA HIS A 41 28.21 7.43 25.04
C HIS A 41 27.47 7.05 26.31
N ALA A 42 27.09 8.04 27.11
CA ALA A 42 26.38 7.76 28.36
C ALA A 42 24.99 7.19 28.09
N LYS A 43 24.41 7.54 26.94
CA LYS A 43 23.08 7.04 26.59
C LYS A 43 23.17 5.66 25.98
N GLY A 44 24.37 5.08 25.98
CA GLY A 44 24.57 3.76 25.40
C GLY A 44 24.59 3.82 23.89
N LYS A 45 24.85 5.01 23.35
CA LYS A 45 24.90 5.20 21.90
C LYS A 45 26.34 5.42 21.42
N LEU A 46 26.61 5.01 20.19
CA LEU A 46 27.93 5.20 19.61
C LEU A 46 27.89 6.50 18.79
N THR A 47 29.05 7.00 18.40
CA THR A 47 29.12 8.22 17.60
C THR A 47 28.92 7.85 16.13
N ALA A 48 28.61 8.85 15.32
CA ALA A 48 28.37 8.68 13.88
C ALA A 48 29.52 7.95 13.18
N ARG A 49 30.75 8.35 13.50
CA ARG A 49 31.91 7.74 12.89
C ARG A 49 32.22 6.35 13.44
N GLU A 50 31.91 6.08 14.71
CA GLU A 50 32.16 4.75 15.25
C GLU A 50 31.22 3.76 14.57
N ARG A 51 30.01 4.22 14.23
CA ARG A 51 29.04 3.35 13.58
C ARG A 51 29.47 3.00 12.17
N ILE A 52 30.01 3.98 11.46
CA ILE A 52 30.47 3.75 10.09
C ILE A 52 31.63 2.77 10.10
N ASP A 53 32.53 2.90 11.08
CA ASP A 53 33.67 2.00 11.15
C ASP A 53 33.24 0.55 11.36
N LEU A 54 32.10 0.37 12.03
CA LEU A 54 31.59 -0.97 12.28
C LEU A 54 30.96 -1.57 11.03
N LEU A 55 30.30 -0.71 10.25
CA LEU A 55 29.62 -1.15 9.04
C LEU A 55 30.54 -1.48 7.86
N LEU A 56 31.38 -0.52 7.50
CA LEU A 56 32.28 -0.68 6.35
C LEU A 56 33.51 -1.55 6.59
N ASP A 57 34.04 -2.09 5.50
CA ASP A 57 35.23 -2.92 5.57
C ASP A 57 36.42 -2.01 5.91
N GLU A 58 37.31 -2.50 6.76
CA GLU A 58 38.49 -1.76 7.18
C GLU A 58 39.17 -1.02 6.04
N GLY A 59 39.41 0.28 6.25
CA GLY A 59 40.06 1.10 5.26
C GLY A 59 39.34 1.39 3.95
N SER A 60 38.08 0.96 3.81
CA SER A 60 37.36 1.21 2.56
C SER A 60 36.62 2.56 2.55
N PHE A 61 36.39 3.11 3.73
CA PHE A 61 35.66 4.37 3.82
C PHE A 61 36.31 5.57 3.15
N VAL A 62 35.54 6.26 2.32
CA VAL A 62 36.00 7.45 1.62
C VAL A 62 34.93 8.49 1.92
N GLU A 63 35.29 9.47 2.74
CA GLU A 63 34.37 10.53 3.16
C GLU A 63 34.16 11.60 2.11
N LEU A 64 32.93 12.10 2.05
CA LEU A 64 32.58 13.16 1.10
C LEU A 64 32.09 14.38 1.89
N ASP A 65 32.39 15.57 1.38
CA ASP A 65 31.95 16.80 2.03
C ASP A 65 32.33 16.90 3.51
N GLU A 66 33.50 16.34 3.83
CA GLU A 66 34.00 16.37 5.19
C GLU A 66 34.10 17.79 5.74
N PHE A 67 34.41 18.75 4.88
CA PHE A 67 34.56 20.14 5.29
C PHE A 67 33.39 21.04 4.93
N ALA A 68 32.22 20.44 4.72
CA ALA A 68 31.01 21.19 4.39
C ALA A 68 30.60 21.99 5.63
N ARG A 69 30.00 23.16 5.41
CA ARG A 69 29.55 24.02 6.51
C ARG A 69 28.25 24.71 6.13
N HIS A 70 27.38 24.96 7.10
CA HIS A 70 26.09 25.60 6.79
C HIS A 70 26.26 27.06 6.40
N ARG A 71 25.28 27.60 5.69
CA ARG A 71 25.30 28.98 5.23
C ARG A 71 24.16 29.79 5.85
N SER A 72 23.76 29.42 7.06
CA SER A 72 22.68 30.13 7.72
C SER A 72 23.17 31.19 8.71
N THR A 73 22.41 32.26 8.83
CA THR A 73 22.74 33.33 9.77
C THR A 73 21.53 33.59 10.67
N ASN A 74 20.51 32.73 10.56
CA ASN A 74 19.32 32.89 11.37
C ASN A 74 19.56 32.51 12.82
N PHE A 75 19.03 33.33 13.73
CA PHE A 75 19.16 33.09 15.16
C PHE A 75 20.59 32.76 15.57
N GLY A 76 21.53 33.59 15.12
CA GLY A 76 22.94 33.38 15.46
C GLY A 76 23.51 32.01 15.16
N LEU A 77 22.97 31.33 14.17
CA LEU A 77 23.46 30.00 13.81
C LEU A 77 24.88 30.10 13.25
N ASP A 78 25.15 31.18 12.52
CA ASP A 78 26.47 31.38 11.92
C ASP A 78 27.57 31.51 12.96
N ALA A 79 27.19 31.52 14.23
CA ALA A 79 28.16 31.62 15.32
C ALA A 79 28.99 30.34 15.36
N ASN A 80 28.37 29.23 14.99
CA ASN A 80 29.05 27.93 14.97
C ASN A 80 28.82 27.20 13.65
N ARG A 81 29.89 27.01 12.89
CA ARG A 81 29.82 26.32 11.62
C ARG A 81 30.76 25.11 11.61
N PRO A 82 30.36 24.02 12.27
CA PRO A 82 31.18 22.80 12.33
C PRO A 82 31.34 22.08 11.00
N TYR A 83 32.56 21.63 10.73
CA TYR A 83 32.84 20.89 9.50
C TYR A 83 31.94 19.67 9.46
N GLY A 84 31.42 19.36 8.27
CA GLY A 84 30.55 18.21 8.13
C GLY A 84 29.09 18.57 8.31
N ASP A 85 28.84 19.64 9.06
CA ASP A 85 27.50 20.14 9.34
C ASP A 85 26.53 19.13 9.95
N GLY A 86 27.04 18.28 10.85
CA GLY A 86 26.18 17.33 11.54
C GLY A 86 25.90 15.96 10.98
N VAL A 87 26.53 15.60 9.86
CA VAL A 87 26.30 14.29 9.28
C VAL A 87 27.56 13.82 8.55
N VAL A 88 27.94 12.56 8.78
CA VAL A 88 29.13 11.98 8.15
C VAL A 88 28.66 11.14 6.97
N THR A 89 29.25 11.39 5.81
CA THR A 89 28.85 10.69 4.59
C THR A 89 30.03 10.25 3.74
N GLY A 90 29.76 9.27 2.88
CA GLY A 90 30.78 8.78 1.98
C GLY A 90 30.41 7.44 1.42
N TYR A 91 31.41 6.74 0.89
CA TYR A 91 31.17 5.43 0.34
C TYR A 91 32.29 4.46 0.72
N GLY A 92 32.01 3.17 0.58
CA GLY A 92 33.00 2.16 0.92
C GLY A 92 32.50 0.81 0.45
N THR A 93 32.96 -0.25 1.13
CA THR A 93 32.55 -1.59 0.80
C THR A 93 32.13 -2.35 2.05
N VAL A 94 31.13 -3.22 1.88
CA VAL A 94 30.63 -4.07 2.94
C VAL A 94 30.83 -5.47 2.40
N ASP A 95 31.67 -6.25 3.07
CA ASP A 95 31.98 -7.61 2.62
C ASP A 95 32.47 -7.58 1.18
N GLY A 96 33.27 -6.56 0.87
CA GLY A 96 33.82 -6.41 -0.47
C GLY A 96 32.92 -5.84 -1.54
N ARG A 97 31.69 -5.46 -1.19
CA ARG A 97 30.72 -4.92 -2.15
C ARG A 97 30.44 -3.44 -1.93
N PRO A 98 30.32 -2.67 -3.01
CA PRO A 98 30.06 -1.22 -2.93
C PRO A 98 28.81 -0.84 -2.15
N VAL A 99 28.93 0.18 -1.32
CA VAL A 99 27.82 0.69 -0.52
C VAL A 99 27.98 2.18 -0.25
N ALA A 100 26.87 2.91 -0.27
CA ALA A 100 26.87 4.35 0.00
C ALA A 100 26.29 4.51 1.41
N VAL A 101 26.79 5.47 2.17
CA VAL A 101 26.30 5.63 3.54
C VAL A 101 26.35 7.03 4.11
N PHE A 102 25.41 7.30 5.02
CA PHE A 102 25.42 8.58 5.71
C PHE A 102 25.14 8.24 7.17
N SER A 103 25.74 9.02 8.07
CA SER A 103 25.58 8.76 9.50
C SER A 103 25.38 10.09 10.21
N GLN A 104 24.13 10.34 10.64
CA GLN A 104 23.78 11.57 11.32
C GLN A 104 24.54 11.69 12.63
N ASP A 105 25.10 12.87 12.88
CA ASP A 105 25.89 13.13 14.08
C ASP A 105 25.08 13.88 15.12
N PHE A 106 24.58 13.14 16.10
CA PHE A 106 23.75 13.72 17.16
C PHE A 106 24.49 14.76 18.01
N THR A 107 25.81 14.61 18.12
CA THR A 107 26.61 15.53 18.91
C THR A 107 26.74 16.92 18.29
N VAL A 108 26.22 17.09 17.07
CA VAL A 108 26.28 18.38 16.39
C VAL A 108 24.86 18.91 16.17
N PHE A 109 24.52 20.00 16.86
CA PHE A 109 23.20 20.61 16.76
C PHE A 109 22.12 19.56 17.05
N GLY A 110 22.41 18.65 17.96
CA GLY A 110 21.45 17.60 18.29
C GLY A 110 21.09 16.76 17.08
N GLY A 111 21.99 16.77 16.09
CA GLY A 111 21.77 16.01 14.88
C GLY A 111 20.62 16.56 14.06
N ALA A 112 20.18 17.78 14.37
CA ALA A 112 19.08 18.41 13.65
C ALA A 112 19.43 18.62 12.17
N LEU A 113 18.57 18.10 11.29
CA LEU A 113 18.73 18.19 9.84
C LEU A 113 18.67 19.62 9.30
N GLY A 114 19.74 20.02 8.61
CA GLY A 114 19.80 21.35 8.02
C GLY A 114 19.92 21.28 6.50
N GLU A 115 20.10 22.44 5.88
CA GLU A 115 20.23 22.55 4.42
C GLU A 115 21.43 21.79 3.86
N VAL A 116 22.62 22.13 4.35
CA VAL A 116 23.84 21.48 3.88
C VAL A 116 23.79 20.03 4.31
N TYR A 117 23.41 19.82 5.56
CA TYR A 117 23.27 18.50 6.14
C TYR A 117 22.45 17.64 5.17
N GLY A 118 21.31 18.17 4.75
CA GLY A 118 20.45 17.43 3.85
C GLY A 118 21.04 17.23 2.47
N GLN A 119 21.74 18.25 1.99
CA GLN A 119 22.37 18.18 0.68
C GLN A 119 23.42 17.08 0.65
N LYS A 120 24.08 16.85 1.79
CA LYS A 120 25.09 15.80 1.87
C LYS A 120 24.42 14.44 1.69
N ILE A 121 23.24 14.28 2.30
CA ILE A 121 22.52 13.02 2.19
C ILE A 121 22.06 12.81 0.75
N VAL A 122 21.68 13.90 0.08
CA VAL A 122 21.24 13.80 -1.30
C VAL A 122 22.42 13.35 -2.19
N LYS A 123 23.60 13.89 -1.93
CA LYS A 123 24.77 13.51 -2.72
C LYS A 123 25.05 12.01 -2.61
N VAL A 124 24.96 11.45 -1.40
CA VAL A 124 25.23 10.03 -1.23
C VAL A 124 24.16 9.20 -1.93
N MET A 125 22.92 9.69 -1.91
CA MET A 125 21.83 8.99 -2.57
C MET A 125 21.98 9.07 -4.09
N ASP A 126 22.42 10.21 -4.59
CA ASP A 126 22.63 10.35 -6.03
C ASP A 126 23.79 9.44 -6.45
N PHE A 127 24.81 9.32 -5.60
CA PHE A 127 25.95 8.47 -5.90
C PHE A 127 25.50 7.01 -6.00
N ALA A 128 24.71 6.57 -5.02
CA ALA A 128 24.20 5.19 -5.00
C ALA A 128 23.31 4.87 -6.21
N LEU A 129 22.47 5.82 -6.59
CA LEU A 129 21.59 5.59 -7.74
C LEU A 129 22.44 5.57 -9.00
N LYS A 130 23.34 6.54 -9.14
CA LYS A 130 24.21 6.64 -10.31
C LYS A 130 25.06 5.39 -10.55
N THR A 131 25.71 4.89 -9.49
CA THR A 131 26.58 3.71 -9.58
C THR A 131 25.83 2.41 -9.33
N GLY A 132 24.59 2.49 -8.89
CA GLY A 132 23.82 1.29 -8.64
C GLY A 132 24.26 0.48 -7.42
N CYS A 133 24.42 1.13 -6.28
CA CYS A 133 24.80 0.39 -5.09
C CYS A 133 23.83 0.68 -3.94
N PRO A 134 23.83 -0.17 -2.92
CA PRO A 134 22.92 0.03 -1.78
C PRO A 134 23.19 1.29 -0.98
N VAL A 135 22.16 1.76 -0.28
CA VAL A 135 22.26 2.93 0.58
C VAL A 135 21.93 2.51 2.01
N VAL A 136 22.89 2.69 2.91
CA VAL A 136 22.68 2.36 4.32
C VAL A 136 22.57 3.70 5.04
N GLY A 137 21.38 3.98 5.57
CA GLY A 137 21.17 5.21 6.30
C GLY A 137 21.19 4.97 7.79
N ILE A 138 22.08 5.65 8.49
CA ILE A 138 22.19 5.52 9.95
C ILE A 138 21.59 6.80 10.53
N ASN A 139 20.38 6.66 11.09
CA ASN A 139 19.64 7.79 11.63
C ASN A 139 19.74 8.02 13.13
N ASP A 140 20.01 9.27 13.49
CA ASP A 140 20.15 9.68 14.88
C ASP A 140 20.05 11.19 14.88
N SER A 141 18.83 11.69 14.77
CA SER A 141 18.54 13.12 14.71
C SER A 141 17.37 13.55 15.60
N GLY A 142 17.55 14.67 16.30
CA GLY A 142 16.50 15.18 17.14
C GLY A 142 15.34 15.73 16.33
N GLY A 143 15.57 15.96 15.04
CA GLY A 143 14.52 16.50 14.18
C GLY A 143 15.04 17.52 13.20
N ALA A 144 14.22 18.54 12.89
CA ALA A 144 14.63 19.57 11.94
C ALA A 144 15.35 20.70 12.66
N ARG A 145 16.39 21.24 12.02
CA ARG A 145 17.15 22.34 12.60
C ARG A 145 16.29 23.61 12.45
N ILE A 146 15.48 23.87 13.47
CA ILE A 146 14.55 25.00 13.50
C ILE A 146 15.11 26.34 13.02
N GLN A 147 16.34 26.64 13.37
CA GLN A 147 16.94 27.91 12.93
C GLN A 147 16.85 28.13 11.43
N GLU A 148 17.07 27.07 10.65
CA GLU A 148 17.04 27.15 9.20
C GLU A 148 15.63 27.23 8.61
N GLY A 149 14.62 27.24 9.47
CA GLY A 149 13.25 27.31 9.00
C GLY A 149 12.89 26.34 7.88
N VAL A 150 12.13 26.83 6.92
CA VAL A 150 11.68 26.02 5.80
C VAL A 150 12.79 25.33 5.00
N ALA A 151 14.01 25.86 5.10
CA ALA A 151 15.14 25.28 4.39
C ALA A 151 15.33 23.79 4.75
N SER A 152 15.02 23.43 6.00
CA SER A 152 15.17 22.04 6.43
C SER A 152 14.07 21.18 5.80
N LEU A 153 12.90 21.77 5.59
CA LEU A 153 11.79 21.05 4.99
C LEU A 153 12.11 20.76 3.52
N GLY A 154 12.84 21.67 2.89
CA GLY A 154 13.22 21.48 1.51
C GLY A 154 14.14 20.29 1.40
N ALA A 155 15.07 20.19 2.34
CA ALA A 155 16.03 19.11 2.38
C ALA A 155 15.30 17.77 2.51
N TYR A 156 14.38 17.69 3.48
CA TYR A 156 13.62 16.47 3.70
C TYR A 156 12.92 16.06 2.42
N GLY A 157 12.21 17.00 1.81
CA GLY A 157 11.49 16.73 0.59
C GLY A 157 12.36 16.14 -0.51
N GLU A 158 13.52 16.74 -0.75
CA GLU A 158 14.43 16.25 -1.79
C GLU A 158 14.84 14.81 -1.47
N ILE A 159 15.00 14.51 -0.19
CA ILE A 159 15.38 13.17 0.23
C ILE A 159 14.22 12.21 -0.04
N PHE A 160 13.02 12.59 0.40
CA PHE A 160 11.84 11.75 0.16
C PHE A 160 11.74 11.37 -1.32
N ARG A 161 11.89 12.38 -2.18
CA ARG A 161 11.81 12.17 -3.63
C ARG A 161 12.83 11.12 -4.08
N ARG A 162 14.05 11.22 -3.58
CA ARG A 162 15.12 10.28 -3.93
C ARG A 162 14.73 8.89 -3.43
N ASN A 163 14.22 8.82 -2.20
CA ASN A 163 13.81 7.55 -1.61
C ASN A 163 12.84 6.82 -2.52
N THR A 164 11.86 7.56 -3.04
CA THR A 164 10.85 7.03 -3.92
C THR A 164 11.38 6.61 -5.28
N HIS A 165 12.22 7.44 -5.89
CA HIS A 165 12.76 7.11 -7.19
C HIS A 165 13.68 5.90 -7.12
N ALA A 166 14.38 5.74 -6.00
CA ALA A 166 15.31 4.63 -5.81
C ALA A 166 14.62 3.36 -5.30
N SER A 167 13.34 3.49 -4.98
CA SER A 167 12.57 2.36 -4.46
C SER A 167 12.47 1.23 -5.48
N GLY A 168 12.96 0.06 -5.10
CA GLY A 168 12.94 -1.09 -5.99
C GLY A 168 14.04 -1.03 -7.05
N VAL A 169 14.94 -0.05 -6.93
CA VAL A 169 16.05 0.11 -7.88
C VAL A 169 17.34 -0.32 -7.20
N ILE A 170 17.62 0.28 -6.06
CA ILE A 170 18.78 -0.05 -5.28
C ILE A 170 18.28 -0.30 -3.85
N PRO A 171 18.86 -1.27 -3.15
CA PRO A 171 18.45 -1.59 -1.78
C PRO A 171 18.62 -0.36 -0.87
N GLN A 172 17.65 -0.12 0.00
CA GLN A 172 17.75 1.00 0.95
C GLN A 172 17.48 0.44 2.34
N ILE A 173 18.47 0.51 3.22
CA ILE A 173 18.31 0.03 4.59
C ILE A 173 18.50 1.20 5.55
N SER A 174 17.59 1.32 6.50
CA SER A 174 17.61 2.38 7.50
C SER A 174 17.97 1.82 8.87
N LEU A 175 19.11 2.26 9.39
CA LEU A 175 19.58 1.84 10.70
C LEU A 175 19.22 2.97 11.66
N VAL A 176 18.23 2.75 12.51
CA VAL A 176 17.80 3.76 13.45
C VAL A 176 18.38 3.44 14.82
N VAL A 177 19.38 4.22 15.23
CA VAL A 177 20.06 4.03 16.50
C VAL A 177 19.96 5.30 17.34
N GLY A 178 18.86 6.01 17.16
CA GLY A 178 18.65 7.24 17.90
C GLY A 178 17.29 7.80 17.56
N PRO A 179 17.06 9.08 17.85
CA PRO A 179 15.77 9.71 17.56
C PRO A 179 15.51 9.93 16.07
N CYS A 180 14.23 9.92 15.71
CA CYS A 180 13.77 10.17 14.34
C CYS A 180 12.36 10.71 14.54
N ALA A 181 12.24 12.04 14.59
CA ALA A 181 10.94 12.66 14.85
C ALA A 181 10.48 13.57 13.72
N GLY A 182 9.17 13.84 13.68
CA GLY A 182 8.62 14.68 12.65
C GLY A 182 8.56 13.99 11.31
N GLY A 183 8.46 14.77 10.25
CA GLY A 183 8.40 14.22 8.90
C GLY A 183 9.59 13.35 8.57
N ALA A 184 10.66 13.49 9.34
CA ALA A 184 11.87 12.69 9.13
C ALA A 184 11.59 11.18 9.09
N VAL A 185 10.62 10.73 9.87
CA VAL A 185 10.25 9.32 9.94
C VAL A 185 9.83 8.75 8.59
N TYR A 186 9.33 9.60 7.70
CA TYR A 186 8.89 9.15 6.38
C TYR A 186 9.99 8.68 5.44
N SER A 187 11.23 9.08 5.71
CA SER A 187 12.33 8.65 4.86
C SER A 187 12.59 7.16 5.11
N PRO A 188 12.78 6.78 6.38
CA PRO A 188 13.03 5.36 6.66
C PRO A 188 11.82 4.50 6.25
N ALA A 189 10.63 5.07 6.39
CA ALA A 189 9.42 4.35 6.03
C ALA A 189 9.45 3.92 4.57
N ILE A 190 10.04 4.74 3.71
CA ILE A 190 10.13 4.41 2.29
C ILE A 190 11.21 3.38 2.00
N THR A 191 12.29 3.38 2.78
CA THR A 191 13.37 2.40 2.55
C THR A 191 12.81 0.99 2.69
N ASP A 192 13.54 0.02 2.16
CA ASP A 192 13.10 -1.37 2.16
C ASP A 192 13.10 -2.04 3.52
N PHE A 193 14.11 -1.73 4.32
CA PHE A 193 14.21 -2.33 5.64
C PHE A 193 14.63 -1.33 6.70
N THR A 194 14.07 -1.47 7.89
CA THR A 194 14.41 -0.58 9.00
C THR A 194 14.79 -1.42 10.23
N VAL A 195 16.00 -1.18 10.73
CA VAL A 195 16.50 -1.91 11.91
C VAL A 195 16.71 -0.95 13.07
N MET A 196 16.10 -1.27 14.21
CA MET A 196 16.21 -0.43 15.40
C MET A 196 16.96 -1.10 16.55
N VAL A 197 17.29 -0.31 17.56
CA VAL A 197 17.99 -0.81 18.72
C VAL A 197 17.11 -0.63 19.95
N ASP A 198 16.91 -1.71 20.69
CA ASP A 198 16.08 -1.69 21.89
C ASP A 198 16.56 -0.70 22.96
N GLN A 199 15.65 0.13 23.44
CA GLN A 199 15.95 1.11 24.49
C GLN A 199 17.08 2.05 24.11
N THR A 200 17.11 2.48 22.86
CA THR A 200 18.18 3.37 22.40
C THR A 200 17.75 4.15 21.16
N SER A 201 16.66 3.70 20.54
CA SER A 201 16.14 4.36 19.34
C SER A 201 14.64 4.61 19.43
N HIS A 202 14.20 5.71 18.84
CA HIS A 202 12.79 6.04 18.86
C HIS A 202 12.34 6.71 17.56
N MET A 203 11.13 6.41 17.12
CA MET A 203 10.59 7.01 15.92
C MET A 203 9.18 7.49 16.25
N PHE A 204 8.82 8.68 15.79
CA PHE A 204 7.49 9.23 16.06
C PHE A 204 7.26 10.52 15.29
N ILE A 205 6.04 10.68 14.78
CA ILE A 205 5.71 11.89 14.04
C ILE A 205 5.39 13.02 14.96
N THR A 206 4.82 12.70 16.13
CA THR A 206 4.46 13.71 17.12
C THR A 206 4.96 13.27 18.49
N GLY A 207 5.55 14.21 19.22
CA GLY A 207 6.07 13.90 20.55
C GLY A 207 5.00 13.78 21.62
N PRO A 208 5.36 13.19 22.78
CA PRO A 208 4.45 13.00 23.91
C PRO A 208 3.82 14.30 24.41
N ASP A 209 4.62 15.36 24.45
CA ASP A 209 4.15 16.66 24.90
C ASP A 209 2.96 17.20 24.10
N VAL A 210 3.03 17.10 22.78
CA VAL A 210 1.94 17.58 21.94
C VAL A 210 0.69 16.72 22.09
N ILE A 211 0.83 15.40 21.95
CA ILE A 211 -0.31 14.51 22.07
C ILE A 211 -0.93 14.64 23.44
N LYS A 212 -0.10 14.99 24.43
CA LYS A 212 -0.55 15.16 25.79
C LYS A 212 -1.51 16.34 25.90
N THR A 213 -1.08 17.48 25.38
CA THR A 213 -1.89 18.70 25.43
C THR A 213 -3.06 18.69 24.46
N VAL A 214 -3.00 17.81 23.46
CA VAL A 214 -4.06 17.74 22.47
C VAL A 214 -5.05 16.61 22.71
N THR A 215 -4.55 15.48 23.19
CA THR A 215 -5.42 14.32 23.42
C THR A 215 -5.59 14.00 24.90
N GLY A 216 -4.70 14.53 25.72
CA GLY A 216 -4.78 14.28 27.15
C GLY A 216 -4.06 12.99 27.52
N GLU A 217 -3.68 12.21 26.51
CA GLU A 217 -2.96 10.96 26.73
C GLU A 217 -1.56 11.21 27.25
N ASP A 218 -1.20 10.53 28.32
CA ASP A 218 0.12 10.68 28.92
C ASP A 218 0.94 9.43 28.64
N VAL A 219 1.82 9.52 27.64
CA VAL A 219 2.67 8.40 27.28
C VAL A 219 4.15 8.77 27.22
N GLY A 220 5.00 7.79 27.51
CA GLY A 220 6.44 8.03 27.47
C GLY A 220 6.97 7.75 26.08
N PHE A 221 8.21 8.17 25.82
CA PHE A 221 8.86 7.96 24.53
C PHE A 221 8.96 6.49 24.14
N GLU A 222 9.39 5.64 25.07
CA GLU A 222 9.54 4.21 24.80
C GLU A 222 8.23 3.59 24.35
N GLU A 223 7.17 3.81 25.10
CA GLU A 223 5.87 3.25 24.73
C GLU A 223 5.34 3.83 23.42
N LEU A 224 5.51 5.14 23.24
CA LEU A 224 5.04 5.83 22.04
C LEU A 224 5.69 5.33 20.75
N GLY A 225 7.02 5.33 20.71
CA GLY A 225 7.70 4.90 19.52
C GLY A 225 9.05 4.24 19.72
N GLY A 226 9.13 3.36 20.72
CA GLY A 226 10.36 2.66 20.98
C GLY A 226 10.57 1.54 19.99
N ALA A 227 11.71 0.87 20.09
CA ALA A 227 12.06 -0.23 19.19
C ALA A 227 11.03 -1.36 19.22
N ARG A 228 10.68 -1.80 20.42
CA ARG A 228 9.72 -2.88 20.57
C ARG A 228 8.37 -2.46 20.00
N THR A 229 7.91 -1.25 20.32
CA THR A 229 6.64 -0.78 19.82
C THR A 229 6.57 -0.86 18.29
N HIS A 230 7.58 -0.30 17.62
CA HIS A 230 7.61 -0.31 16.17
C HIS A 230 7.92 -1.66 15.53
N ASN A 231 8.41 -2.61 16.32
CA ASN A 231 8.71 -3.94 15.80
C ASN A 231 7.58 -4.94 16.04
N SER A 232 6.70 -4.65 16.99
CA SER A 232 5.60 -5.58 17.24
C SER A 232 4.20 -4.98 17.24
N THR A 233 4.10 -3.66 17.18
CA THR A 233 2.79 -3.01 17.20
C THR A 233 2.44 -2.23 15.93
N SER A 234 3.35 -1.34 15.49
CA SER A 234 3.12 -0.51 14.31
C SER A 234 3.45 -1.21 13.01
N GLY A 235 4.34 -2.20 13.07
CA GLY A 235 4.72 -2.91 11.87
C GLY A 235 5.60 -2.08 10.95
N VAL A 236 6.26 -1.06 11.49
CA VAL A 236 7.12 -0.19 10.68
C VAL A 236 8.58 -0.64 10.71
N ALA A 237 9.04 -1.17 11.85
CA ALA A 237 10.42 -1.64 11.97
C ALA A 237 10.52 -3.12 11.62
N HIS A 238 11.65 -3.51 11.03
CA HIS A 238 11.86 -4.89 10.64
C HIS A 238 12.70 -5.72 11.60
N HIS A 239 13.36 -5.05 12.54
CA HIS A 239 14.18 -5.78 13.51
C HIS A 239 14.60 -4.93 14.68
N MET A 240 14.65 -5.55 15.85
CA MET A 240 15.06 -4.87 17.07
C MET A 240 16.27 -5.63 17.61
N ALA A 241 17.43 -5.00 17.58
CA ALA A 241 18.66 -5.61 18.07
C ALA A 241 18.89 -5.20 19.52
N GLY A 242 19.64 -6.01 20.26
CA GLY A 242 19.92 -5.69 21.65
C GLY A 242 20.95 -4.60 21.81
N ASP A 243 21.67 -4.32 20.73
CA ASP A 243 22.70 -3.29 20.73
C ASP A 243 23.07 -2.87 19.31
N GLU A 244 23.85 -1.81 19.19
CA GLU A 244 24.24 -1.30 17.87
C GLU A 244 25.10 -2.26 17.07
N LYS A 245 26.02 -2.94 17.75
CA LYS A 245 26.88 -3.89 17.08
C LYS A 245 26.02 -4.94 16.39
N ASP A 246 25.07 -5.51 17.13
CA ASP A 246 24.18 -6.52 16.58
C ASP A 246 23.33 -5.94 15.44
N ALA A 247 22.94 -4.68 15.57
CA ALA A 247 22.12 -4.04 14.54
C ALA A 247 22.89 -3.95 13.25
N VAL A 248 24.14 -3.51 13.33
CA VAL A 248 24.99 -3.41 12.14
C VAL A 248 25.21 -4.79 11.52
N GLU A 249 25.39 -5.79 12.36
CA GLU A 249 25.57 -7.15 11.89
C GLU A 249 24.32 -7.60 11.12
N TYR A 250 23.16 -7.19 11.61
CA TYR A 250 21.90 -7.55 10.98
C TYR A 250 21.77 -6.93 9.58
N VAL A 251 22.21 -5.68 9.43
CA VAL A 251 22.11 -5.00 8.14
C VAL A 251 23.08 -5.65 7.15
N LYS A 252 24.25 -6.06 7.63
CA LYS A 252 25.22 -6.71 6.77
C LYS A 252 24.61 -8.01 6.26
N GLN A 253 23.88 -8.69 7.14
CA GLN A 253 23.23 -9.94 6.78
C GLN A 253 22.19 -9.67 5.70
N LEU A 254 21.42 -8.60 5.91
CA LEU A 254 20.38 -8.22 4.98
C LEU A 254 21.00 -7.97 3.60
N LEU A 255 22.08 -7.20 3.57
CA LEU A 255 22.74 -6.90 2.29
C LEU A 255 23.27 -8.14 1.59
N SER A 256 23.72 -9.14 2.36
CA SER A 256 24.27 -10.37 1.78
C SER A 256 23.25 -11.18 0.98
N TYR A 257 21.96 -10.92 1.21
CA TYR A 257 20.92 -11.66 0.48
C TYR A 257 20.39 -10.88 -0.72
N LEU A 258 20.75 -9.61 -0.82
CA LEU A 258 20.27 -8.77 -1.90
C LEU A 258 21.34 -8.35 -2.91
N PRO A 259 20.92 -8.07 -4.16
CA PRO A 259 21.89 -7.66 -5.16
C PRO A 259 22.27 -6.21 -4.86
N SER A 260 23.20 -5.66 -5.64
CA SER A 260 23.61 -4.28 -5.45
C SER A 260 22.57 -3.34 -6.06
N ASN A 261 21.80 -3.85 -7.02
CA ASN A 261 20.76 -3.08 -7.70
C ASN A 261 19.81 -4.04 -8.43
N ASN A 262 18.68 -3.51 -8.91
CA ASN A 262 17.69 -4.35 -9.56
C ASN A 262 18.09 -4.94 -10.91
N LEU A 263 19.29 -4.62 -11.38
CA LEU A 263 19.75 -5.15 -12.67
C LEU A 263 20.51 -6.47 -12.53
N SER A 264 20.79 -6.88 -11.29
CA SER A 264 21.54 -8.12 -11.07
C SER A 264 20.80 -9.11 -10.19
N GLU A 265 21.10 -10.39 -10.36
CA GLU A 265 20.49 -11.39 -9.52
C GLU A 265 21.15 -11.24 -8.16
N PRO A 266 20.51 -11.76 -7.10
CA PRO A 266 21.10 -11.63 -5.77
C PRO A 266 22.47 -12.33 -5.73
N PRO A 267 23.36 -11.89 -4.84
CA PRO A 267 24.71 -12.49 -4.72
C PRO A 267 24.63 -13.99 -4.44
N ALA A 268 25.26 -14.78 -5.30
CA ALA A 268 25.25 -16.22 -5.11
C ALA A 268 26.61 -16.86 -4.94
N PHE A 269 26.62 -18.00 -4.29
CA PHE A 269 27.83 -18.79 -4.05
C PHE A 269 27.40 -20.21 -4.39
N PRO A 270 27.23 -20.51 -5.68
CA PRO A 270 26.81 -21.82 -6.19
C PRO A 270 27.54 -23.03 -5.63
N GLU A 271 26.77 -24.07 -5.37
CA GLU A 271 27.27 -25.35 -4.85
C GLU A 271 26.16 -26.38 -5.01
N GLU A 272 26.42 -27.41 -5.82
CA GLU A 272 25.42 -28.44 -6.05
C GLU A 272 25.11 -29.18 -4.76
N ALA A 273 23.83 -29.21 -4.40
CA ALA A 273 23.41 -29.89 -3.19
C ALA A 273 23.31 -31.39 -3.40
N ASP A 274 23.36 -32.15 -2.32
CA ASP A 274 23.23 -33.60 -2.37
C ASP A 274 21.75 -33.88 -2.22
N LEU A 275 21.11 -34.27 -3.31
CA LEU A 275 19.68 -34.54 -3.29
C LEU A 275 19.25 -35.90 -2.76
N ALA A 276 20.18 -36.64 -2.17
CA ALA A 276 19.83 -37.94 -1.61
C ALA A 276 19.01 -37.69 -0.35
N VAL A 277 18.02 -38.53 -0.10
CA VAL A 277 17.18 -38.39 1.09
C VAL A 277 17.99 -38.60 2.36
N THR A 278 18.21 -37.51 3.10
CA THR A 278 18.98 -37.55 4.34
C THR A 278 18.06 -37.86 5.52
N ASP A 279 18.65 -38.17 6.66
CA ASP A 279 17.86 -38.45 7.86
C ASP A 279 17.06 -37.22 8.25
N GLU A 280 17.59 -36.04 7.91
CA GLU A 280 16.90 -34.79 8.21
C GLU A 280 15.68 -34.65 7.33
N ASP A 281 15.82 -34.93 6.03
CA ASP A 281 14.70 -34.84 5.11
C ASP A 281 13.57 -35.76 5.60
N ALA A 282 13.94 -36.95 6.05
CA ALA A 282 12.98 -37.95 6.53
C ALA A 282 12.13 -37.42 7.66
N GLU A 283 12.71 -36.58 8.51
CA GLU A 283 12.00 -35.98 9.63
C GLU A 283 10.71 -35.29 9.20
N LEU A 284 10.72 -34.73 7.99
CA LEU A 284 9.54 -34.03 7.48
C LEU A 284 8.31 -34.93 7.31
N ASP A 285 8.53 -36.21 7.06
CA ASP A 285 7.40 -37.14 6.88
C ASP A 285 6.57 -37.32 8.13
N THR A 286 7.14 -37.02 9.30
CA THR A 286 6.42 -37.17 10.56
C THR A 286 6.24 -35.87 11.33
N ILE A 287 6.64 -34.74 10.74
CA ILE A 287 6.52 -33.45 11.41
C ILE A 287 5.06 -33.03 11.59
N VAL A 288 4.19 -33.42 10.67
CA VAL A 288 2.77 -33.07 10.78
C VAL A 288 2.07 -34.08 11.70
N PRO A 289 1.56 -33.61 12.84
CA PRO A 289 0.89 -34.50 13.79
C PRO A 289 -0.42 -35.06 13.25
N ASP A 290 -0.87 -36.18 13.83
CA ASP A 290 -2.11 -36.83 13.43
C ASP A 290 -3.30 -35.89 13.67
N SER A 291 -3.34 -35.27 14.83
CA SER A 291 -4.42 -34.36 15.17
C SER A 291 -4.32 -33.07 14.36
N ALA A 292 -5.33 -32.82 13.53
CA ALA A 292 -5.35 -31.62 12.70
C ALA A 292 -5.31 -30.36 13.54
N ASN A 293 -5.48 -30.53 14.85
CA ASN A 293 -5.47 -29.40 15.78
C ASN A 293 -4.09 -29.15 16.36
N GLN A 294 -3.39 -30.22 16.74
CA GLN A 294 -2.06 -30.11 17.31
C GLN A 294 -1.15 -29.35 16.35
N PRO A 295 -0.65 -28.18 16.78
CA PRO A 295 0.23 -27.35 15.97
C PRO A 295 1.67 -27.88 15.87
N TYR A 296 2.44 -27.25 15.00
CA TYR A 296 3.85 -27.59 14.81
C TYR A 296 4.53 -26.29 14.42
N ASP A 297 5.85 -26.23 14.61
CA ASP A 297 6.60 -25.01 14.28
C ASP A 297 7.02 -25.01 12.81
N MET A 298 6.42 -24.12 12.03
CA MET A 298 6.74 -23.99 10.61
C MET A 298 8.22 -23.67 10.42
N HIS A 299 8.84 -23.07 11.43
CA HIS A 299 10.26 -22.73 11.39
C HIS A 299 11.05 -23.98 11.03
N SER A 300 10.65 -25.12 11.61
CA SER A 300 11.33 -26.38 11.36
C SER A 300 11.24 -26.76 9.90
N VAL A 301 10.06 -26.61 9.32
CA VAL A 301 9.86 -26.94 7.91
C VAL A 301 10.81 -26.12 7.04
N ILE A 302 10.78 -24.80 7.24
CA ILE A 302 11.62 -23.89 6.48
C ILE A 302 13.11 -24.25 6.57
N GLU A 303 13.59 -24.44 7.79
CA GLU A 303 15.00 -24.79 8.01
C GLU A 303 15.43 -26.08 7.32
N HIS A 304 14.51 -27.02 7.16
CA HIS A 304 14.84 -28.28 6.51
C HIS A 304 15.11 -28.20 5.02
N VAL A 305 14.66 -27.12 4.38
CA VAL A 305 14.88 -26.97 2.95
C VAL A 305 15.96 -25.95 2.58
N LEU A 306 16.35 -25.12 3.55
CA LEU A 306 17.38 -24.10 3.32
C LEU A 306 18.79 -24.58 3.63
N ASP A 307 19.76 -24.02 2.91
CA ASP A 307 21.15 -24.36 3.13
C ASP A 307 21.54 -24.16 4.60
N ASP A 308 22.28 -25.11 5.14
CA ASP A 308 22.73 -25.07 6.53
C ASP A 308 21.58 -24.85 7.51
N ALA A 309 20.36 -25.15 7.07
CA ALA A 309 19.19 -24.97 7.92
C ALA A 309 19.20 -23.54 8.48
N GLU A 310 19.78 -22.63 7.71
CA GLU A 310 19.87 -21.22 8.13
C GLU A 310 18.70 -20.39 7.61
N PHE A 311 17.92 -19.82 8.51
CA PHE A 311 16.79 -18.99 8.15
C PHE A 311 16.94 -17.61 8.82
N PHE A 312 17.05 -16.57 8.00
CA PHE A 312 17.22 -15.20 8.48
C PHE A 312 15.84 -14.52 8.46
N GLU A 313 15.21 -14.48 9.64
CA GLU A 313 13.87 -13.92 9.76
C GLU A 313 13.81 -12.41 9.90
N THR A 314 12.76 -11.82 9.30
CA THR A 314 12.53 -10.38 9.36
C THR A 314 11.18 -10.16 10.04
N GLN A 315 11.06 -9.05 10.78
CA GLN A 315 9.82 -8.74 11.51
C GLN A 315 9.31 -9.91 12.35
N PRO A 316 10.18 -10.54 13.14
CA PRO A 316 9.77 -11.67 13.98
C PRO A 316 8.70 -11.32 15.01
N LEU A 317 8.74 -10.11 15.54
CA LEU A 317 7.78 -9.68 16.56
C LEU A 317 6.47 -9.12 16.02
N PHE A 318 6.37 -8.98 14.70
CA PHE A 318 5.15 -8.44 14.10
C PHE A 318 4.39 -9.52 13.37
N ALA A 319 3.08 -9.61 13.63
CA ALA A 319 2.23 -10.61 12.98
C ALA A 319 2.92 -11.98 12.99
N PRO A 320 3.14 -12.55 14.20
CA PRO A 320 3.78 -13.85 14.38
C PRO A 320 3.04 -14.98 13.66
N ASN A 321 1.82 -14.70 13.20
CA ASN A 321 1.02 -15.72 12.50
C ASN A 321 1.53 -16.00 11.08
N ILE A 322 2.53 -15.24 10.66
CA ILE A 322 3.12 -15.46 9.35
C ILE A 322 4.61 -15.19 9.46
N LEU A 323 5.41 -15.96 8.73
CA LEU A 323 6.85 -15.80 8.79
C LEU A 323 7.44 -15.31 7.49
N THR A 324 8.38 -14.36 7.59
CA THR A 324 9.06 -13.79 6.43
C THR A 324 10.57 -13.76 6.71
N GLY A 325 11.37 -14.00 5.69
CA GLY A 325 12.80 -13.97 5.89
C GLY A 325 13.58 -14.41 4.67
N PHE A 326 14.90 -14.53 4.85
CA PHE A 326 15.79 -14.92 3.76
C PHE A 326 16.56 -16.21 4.08
N GLY A 327 17.02 -16.87 3.02
CA GLY A 327 17.79 -18.08 3.17
C GLY A 327 18.49 -18.34 1.85
N ARG A 328 19.13 -19.51 1.72
CA ARG A 328 19.80 -19.86 0.49
C ARG A 328 19.54 -21.30 0.09
N VAL A 329 19.45 -21.52 -1.21
CA VAL A 329 19.24 -22.85 -1.78
C VAL A 329 20.36 -23.02 -2.81
N GLU A 330 21.24 -23.97 -2.55
CA GLU A 330 22.39 -24.22 -3.40
C GLU A 330 23.21 -22.95 -3.53
N GLY A 331 23.31 -22.20 -2.43
CA GLY A 331 24.09 -20.98 -2.41
C GLY A 331 23.41 -19.75 -2.97
N ARG A 332 22.17 -19.90 -3.42
CA ARG A 332 21.42 -18.80 -4.01
C ARG A 332 20.35 -18.29 -3.05
N PRO A 333 20.36 -16.98 -2.77
CA PRO A 333 19.40 -16.34 -1.88
C PRO A 333 17.95 -16.55 -2.33
N VAL A 334 17.07 -16.80 -1.36
CA VAL A 334 15.66 -16.98 -1.62
C VAL A 334 14.89 -16.29 -0.50
N GLY A 335 13.64 -15.96 -0.78
CA GLY A 335 12.79 -15.33 0.21
C GLY A 335 11.77 -16.35 0.69
N ILE A 336 11.29 -16.18 1.92
CA ILE A 336 10.32 -17.10 2.49
C ILE A 336 9.09 -16.42 3.07
N VAL A 337 7.93 -17.02 2.80
CA VAL A 337 6.65 -16.57 3.31
C VAL A 337 5.93 -17.83 3.76
N ALA A 338 5.57 -17.92 5.03
CA ALA A 338 4.89 -19.11 5.52
C ALA A 338 3.95 -18.85 6.70
N ASN A 339 2.81 -19.52 6.70
CA ASN A 339 1.85 -19.37 7.79
C ASN A 339 2.45 -20.12 8.98
N GLN A 340 2.23 -19.58 10.19
CA GLN A 340 2.73 -20.17 11.43
C GLN A 340 1.58 -20.74 12.26
N PRO A 341 1.35 -22.06 12.21
CA PRO A 341 0.29 -22.75 12.96
C PRO A 341 0.31 -22.47 14.46
N MET A 342 1.48 -22.11 14.99
CA MET A 342 1.62 -21.81 16.40
C MET A 342 1.00 -20.48 16.83
N GLN A 343 0.63 -19.66 15.86
CA GLN A 343 0.02 -18.36 16.15
C GLN A 343 -1.27 -18.20 15.37
N PHE A 344 -2.38 -18.02 16.07
CA PHE A 344 -3.68 -17.84 15.43
C PHE A 344 -4.00 -19.00 14.48
N ALA A 345 -3.42 -20.16 14.77
CA ALA A 345 -3.63 -21.36 13.97
C ALA A 345 -3.19 -21.16 12.53
N GLY A 346 -2.35 -20.15 12.31
CA GLY A 346 -1.85 -19.89 10.97
C GLY A 346 -2.79 -19.02 10.14
N CYS A 347 -3.88 -18.59 10.75
CA CYS A 347 -4.85 -17.75 10.05
C CYS A 347 -4.21 -16.46 9.55
N LEU A 348 -4.76 -15.92 8.48
CA LEU A 348 -4.28 -14.66 7.92
C LEU A 348 -5.11 -13.56 8.57
N ASP A 349 -4.59 -12.34 8.51
CA ASP A 349 -5.28 -11.18 9.06
C ASP A 349 -4.63 -9.95 8.44
N ILE A 350 -5.09 -8.78 8.85
CA ILE A 350 -4.56 -7.53 8.33
C ILE A 350 -3.03 -7.45 8.45
N THR A 351 -2.52 -7.50 9.68
CA THR A 351 -1.09 -7.38 9.91
C THR A 351 -0.25 -8.39 9.12
N ALA A 352 -0.63 -9.66 9.15
CA ALA A 352 0.10 -10.69 8.41
C ALA A 352 0.08 -10.41 6.90
N SER A 353 -1.08 -9.99 6.40
CA SER A 353 -1.23 -9.70 4.98
C SER A 353 -0.31 -8.56 4.53
N GLU A 354 -0.23 -7.51 5.33
CA GLU A 354 0.59 -6.37 4.98
C GLU A 354 2.07 -6.67 5.16
N LYS A 355 2.37 -7.46 6.18
CA LYS A 355 3.75 -7.85 6.45
C LYS A 355 4.29 -8.65 5.26
N ALA A 356 3.59 -9.73 4.91
CA ALA A 356 4.01 -10.59 3.82
C ALA A 356 3.97 -9.90 2.46
N ALA A 357 2.96 -9.05 2.24
CA ALA A 357 2.81 -8.36 0.97
C ALA A 357 4.04 -7.52 0.61
N ARG A 358 4.50 -6.71 1.56
CA ARG A 358 5.65 -5.84 1.36
C ARG A 358 6.92 -6.67 1.13
N PHE A 359 7.07 -7.74 1.91
CA PHE A 359 8.23 -8.59 1.75
C PHE A 359 8.29 -9.21 0.36
N VAL A 360 7.17 -9.76 -0.10
CA VAL A 360 7.14 -10.37 -1.43
C VAL A 360 7.53 -9.34 -2.50
N ARG A 361 6.94 -8.15 -2.42
CA ARG A 361 7.25 -7.10 -3.39
C ARG A 361 8.73 -6.71 -3.33
N THR A 362 9.29 -6.75 -2.12
CA THR A 362 10.70 -6.42 -1.93
C THR A 362 11.56 -7.44 -2.67
N CYS A 363 11.26 -8.73 -2.46
CA CYS A 363 12.00 -9.80 -3.12
C CYS A 363 11.88 -9.71 -4.64
N ASP A 364 10.65 -9.50 -5.12
CA ASP A 364 10.41 -9.41 -6.55
C ASP A 364 11.18 -8.28 -7.21
N ALA A 365 11.16 -7.11 -6.60
CA ALA A 365 11.86 -5.94 -7.13
C ALA A 365 13.37 -6.22 -7.24
N PHE A 366 13.89 -7.02 -6.32
CA PHE A 366 15.31 -7.31 -6.35
C PHE A 366 15.66 -8.70 -6.83
N ASN A 367 14.80 -9.25 -7.67
CA ASN A 367 15.04 -10.55 -8.29
C ASN A 367 15.31 -11.71 -7.34
N VAL A 368 14.66 -11.69 -6.18
CA VAL A 368 14.82 -12.76 -5.23
C VAL A 368 13.64 -13.73 -5.30
N PRO A 369 13.90 -15.01 -5.59
CA PRO A 369 12.84 -16.01 -5.68
C PRO A 369 12.09 -16.09 -4.34
N VAL A 370 10.83 -16.48 -4.38
CA VAL A 370 10.04 -16.58 -3.16
C VAL A 370 9.45 -17.97 -2.94
N LEU A 371 9.79 -18.57 -1.81
CA LEU A 371 9.29 -19.89 -1.42
C LEU A 371 8.20 -19.68 -0.38
N THR A 372 7.01 -20.23 -0.61
CA THR A 372 5.91 -20.07 0.34
C THR A 372 5.40 -21.41 0.85
N PHE A 373 5.21 -21.50 2.17
CA PHE A 373 4.72 -22.72 2.80
C PHE A 373 3.34 -22.41 3.37
N VAL A 374 2.35 -23.19 2.93
CA VAL A 374 0.97 -22.95 3.33
C VAL A 374 0.34 -23.89 4.33
N ASP A 375 -0.36 -23.30 5.29
CA ASP A 375 -1.11 -23.99 6.33
C ASP A 375 -1.98 -22.89 6.92
N VAL A 376 -3.07 -22.58 6.22
CA VAL A 376 -3.98 -21.53 6.65
C VAL A 376 -5.43 -22.01 6.62
N PRO A 377 -6.13 -21.92 7.76
CA PRO A 377 -7.54 -22.35 7.83
C PRO A 377 -8.47 -21.29 7.29
N GLY A 378 -7.93 -20.08 7.11
CA GLY A 378 -8.72 -18.98 6.59
C GLY A 378 -8.28 -17.67 7.21
N PHE A 379 -9.17 -16.69 7.25
CA PHE A 379 -8.85 -15.40 7.84
C PHE A 379 -9.37 -15.28 9.26
N LEU A 380 -8.63 -14.53 10.08
CA LEU A 380 -8.99 -14.31 11.48
C LEU A 380 -10.31 -13.55 11.56
N PRO A 381 -11.37 -14.21 12.08
CA PRO A 381 -12.70 -13.59 12.20
C PRO A 381 -12.68 -12.45 13.22
N GLY A 382 -13.50 -11.43 12.98
CA GLY A 382 -13.56 -10.30 13.90
C GLY A 382 -14.10 -9.04 13.26
N VAL A 383 -15.03 -8.37 13.94
CA VAL A 383 -15.61 -7.15 13.41
C VAL A 383 -14.49 -6.13 13.16
N ASP A 384 -13.51 -6.09 14.05
CA ASP A 384 -12.40 -5.15 13.93
C ASP A 384 -11.64 -5.37 12.61
N GLN A 385 -11.48 -6.62 12.20
CA GLN A 385 -10.79 -6.94 10.96
C GLN A 385 -11.52 -6.30 9.78
N GLU A 386 -12.86 -6.40 9.76
CA GLU A 386 -13.66 -5.81 8.68
C GLU A 386 -13.61 -4.29 8.72
N HIS A 387 -13.91 -3.73 9.89
CA HIS A 387 -13.92 -2.28 10.04
C HIS A 387 -12.59 -1.62 9.77
N ASP A 388 -11.50 -2.32 10.05
CA ASP A 388 -10.16 -1.77 9.82
C ASP A 388 -9.70 -1.91 8.39
N GLY A 389 -10.57 -2.43 7.53
CA GLY A 389 -10.26 -2.59 6.12
C GLY A 389 -9.50 -3.83 5.66
N ILE A 390 -9.85 -5.00 6.18
CA ILE A 390 -9.18 -6.23 5.77
C ILE A 390 -9.38 -6.49 4.27
N ILE A 391 -10.49 -6.03 3.72
CA ILE A 391 -10.79 -6.23 2.30
C ILE A 391 -9.73 -5.60 1.40
N ARG A 392 -9.35 -4.35 1.67
CA ARG A 392 -8.36 -3.67 0.85
C ARG A 392 -6.93 -3.99 1.28
N ARG A 393 -6.75 -4.30 2.55
CA ARG A 393 -5.41 -4.59 3.07
C ARG A 393 -5.03 -6.05 2.81
N GLY A 394 -5.98 -6.96 2.95
CA GLY A 394 -5.67 -8.35 2.69
C GLY A 394 -5.37 -8.55 1.20
N ALA A 395 -6.00 -7.72 0.36
CA ALA A 395 -5.79 -7.80 -1.09
C ALA A 395 -4.37 -7.47 -1.50
N LYS A 396 -3.65 -6.77 -0.62
CA LYS A 396 -2.26 -6.41 -0.91
C LYS A 396 -1.38 -7.63 -1.16
N LEU A 397 -1.66 -8.72 -0.45
CA LEU A 397 -0.88 -9.94 -0.59
C LEU A 397 -1.16 -10.62 -1.93
N ILE A 398 -2.41 -10.68 -2.33
CA ILE A 398 -2.72 -11.31 -3.60
C ILE A 398 -2.09 -10.49 -4.72
N PHE A 399 -2.17 -9.17 -4.59
CA PHE A 399 -1.60 -8.27 -5.59
C PHE A 399 -0.11 -8.53 -5.71
N ALA A 400 0.55 -8.66 -4.57
CA ALA A 400 1.99 -8.91 -4.50
C ALA A 400 2.37 -10.17 -5.29
N TYR A 401 1.71 -11.28 -4.99
CA TYR A 401 1.98 -12.55 -5.66
C TYR A 401 1.68 -12.52 -7.16
N ALA A 402 0.55 -11.91 -7.51
CA ALA A 402 0.12 -11.82 -8.91
C ALA A 402 1.05 -10.94 -9.71
N GLU A 403 1.65 -9.96 -9.04
CA GLU A 403 2.56 -9.03 -9.69
C GLU A 403 3.96 -9.61 -9.90
N ALA A 404 4.39 -10.45 -8.97
CA ALA A 404 5.72 -11.06 -8.99
C ALA A 404 6.09 -11.82 -10.26
N THR A 405 7.29 -11.57 -10.76
CA THR A 405 7.77 -12.27 -11.95
C THR A 405 8.98 -13.15 -11.59
N VAL A 406 9.44 -13.08 -10.34
CA VAL A 406 10.56 -13.93 -9.93
C VAL A 406 10.03 -15.35 -9.73
N PRO A 407 10.94 -16.34 -9.66
CA PRO A 407 10.49 -17.71 -9.46
C PRO A 407 9.58 -17.80 -8.23
N LEU A 408 8.52 -18.59 -8.31
CA LEU A 408 7.58 -18.78 -7.20
C LEU A 408 7.28 -20.26 -7.02
N ILE A 409 7.60 -20.79 -5.84
CA ILE A 409 7.35 -22.19 -5.53
C ILE A 409 6.56 -22.23 -4.23
N THR A 410 5.41 -22.90 -4.26
CA THR A 410 4.57 -22.98 -3.09
C THR A 410 4.39 -24.42 -2.62
N VAL A 411 4.48 -24.61 -1.30
CA VAL A 411 4.32 -25.93 -0.71
C VAL A 411 3.21 -25.87 0.34
N ILE A 412 2.17 -26.67 0.15
CA ILE A 412 1.05 -26.70 1.09
C ILE A 412 1.25 -27.90 1.99
N THR A 413 1.60 -27.62 3.24
CA THR A 413 1.85 -28.68 4.21
C THR A 413 0.57 -29.21 4.86
N ARG A 414 -0.41 -28.35 5.04
CA ARG A 414 -1.66 -28.78 5.66
C ARG A 414 -2.90 -28.00 5.18
N LYS A 415 -3.45 -27.17 6.04
CA LYS A 415 -4.66 -26.42 5.70
C LYS A 415 -4.50 -25.38 4.59
N ALA A 416 -5.52 -25.29 3.74
CA ALA A 416 -5.57 -24.32 2.64
C ALA A 416 -7.04 -24.20 2.23
N PHE A 417 -7.78 -23.37 2.95
CA PHE A 417 -9.21 -23.19 2.70
C PHE A 417 -9.62 -21.84 2.14
N GLY A 418 -10.71 -21.85 1.37
CA GLY A 418 -11.24 -20.64 0.77
C GLY A 418 -10.25 -19.68 0.14
N GLY A 419 -10.55 -18.38 0.24
CA GLY A 419 -9.69 -17.35 -0.32
C GLY A 419 -8.27 -17.42 0.18
N ALA A 420 -8.09 -17.87 1.42
CA ALA A 420 -6.75 -17.99 1.99
C ALA A 420 -5.88 -18.81 1.04
N TYR A 421 -6.44 -19.90 0.53
CA TYR A 421 -5.74 -20.77 -0.42
C TYR A 421 -5.29 -19.95 -1.63
N ASP A 422 -6.20 -19.15 -2.19
CA ASP A 422 -5.86 -18.32 -3.34
C ASP A 422 -4.76 -17.33 -3.01
N VAL A 423 -4.85 -16.69 -1.85
CA VAL A 423 -3.88 -15.68 -1.42
C VAL A 423 -2.46 -16.19 -1.25
N MET A 424 -2.32 -17.35 -0.63
CA MET A 424 -1.01 -17.92 -0.35
C MET A 424 -0.28 -18.49 -1.57
N GLY A 425 0.18 -17.60 -2.43
CA GLY A 425 0.91 -18.02 -3.63
C GLY A 425 0.34 -19.17 -4.43
N SER A 426 -0.96 -19.14 -4.70
CA SER A 426 -1.58 -20.20 -5.47
C SER A 426 -1.14 -20.10 -6.93
N LYS A 427 -1.31 -21.20 -7.66
CA LYS A 427 -0.95 -21.25 -9.06
C LYS A 427 -1.79 -20.25 -9.86
N HIS A 428 -3.02 -20.01 -9.42
CA HIS A 428 -3.93 -19.10 -10.10
C HIS A 428 -3.37 -17.68 -10.17
N LEU A 429 -2.56 -17.33 -9.18
CA LEU A 429 -1.93 -16.01 -9.09
C LEU A 429 -0.66 -15.92 -9.94
N GLY A 430 -0.13 -17.06 -10.36
CA GLY A 430 1.08 -17.05 -11.17
C GLY A 430 2.19 -17.93 -10.62
N ALA A 431 1.93 -18.62 -9.52
CA ALA A 431 2.95 -19.49 -8.93
C ALA A 431 3.41 -20.50 -9.98
N ASP A 432 4.73 -20.68 -10.09
CA ASP A 432 5.30 -21.58 -11.09
C ASP A 432 5.23 -23.04 -10.72
N LEU A 433 5.51 -23.34 -9.45
CA LEU A 433 5.46 -24.70 -8.94
C LEU A 433 4.69 -24.76 -7.64
N ASN A 434 3.64 -25.57 -7.62
CA ASN A 434 2.81 -25.71 -6.44
C ASN A 434 2.81 -27.15 -5.97
N LEU A 435 3.43 -27.39 -4.83
CA LEU A 435 3.51 -28.73 -4.28
C LEU A 435 2.59 -28.85 -3.06
N ALA A 436 2.09 -30.07 -2.84
CA ALA A 436 1.23 -30.34 -1.70
C ALA A 436 1.60 -31.66 -1.05
N TRP A 437 1.63 -31.67 0.28
CA TRP A 437 1.92 -32.89 1.02
C TRP A 437 0.60 -33.69 1.11
N PRO A 438 0.70 -34.97 1.49
CA PRO A 438 -0.48 -35.84 1.62
C PRO A 438 -1.41 -35.30 2.69
N THR A 439 -0.84 -34.59 3.66
CA THR A 439 -1.61 -34.01 4.75
C THR A 439 -2.32 -32.72 4.35
N ALA A 440 -2.07 -32.25 3.13
CA ALA A 440 -2.71 -31.01 2.68
C ALA A 440 -4.22 -31.12 2.62
N GLN A 441 -4.89 -30.01 2.94
CA GLN A 441 -6.35 -29.95 2.90
C GLN A 441 -6.77 -28.74 2.09
N ILE A 442 -7.01 -28.94 0.80
CA ILE A 442 -7.39 -27.85 -0.09
C ILE A 442 -8.86 -27.97 -0.44
N ALA A 443 -9.66 -27.05 0.10
CA ALA A 443 -11.09 -27.03 -0.13
C ALA A 443 -11.68 -25.63 0.02
N VAL A 444 -12.94 -25.45 -0.41
CA VAL A 444 -13.60 -24.17 -0.32
C VAL A 444 -13.79 -23.73 1.11
N MET A 445 -14.20 -24.65 1.97
CA MET A 445 -14.41 -24.34 3.37
C MET A 445 -14.41 -25.61 4.21
N GLY A 446 -14.51 -25.45 5.53
CA GLY A 446 -14.51 -26.60 6.41
C GLY A 446 -15.66 -27.56 6.13
N ALA A 447 -15.54 -28.79 6.62
CA ALA A 447 -16.57 -29.79 6.41
C ALA A 447 -17.92 -29.38 6.99
N GLN A 448 -17.92 -28.91 8.23
CA GLN A 448 -19.17 -28.48 8.87
C GLN A 448 -19.89 -27.39 8.08
N GLY A 449 -19.18 -26.29 7.81
CA GLY A 449 -19.79 -25.21 7.07
C GLY A 449 -20.30 -25.65 5.71
N ALA A 450 -19.62 -26.61 5.11
CA ALA A 450 -20.01 -27.12 3.79
C ALA A 450 -21.27 -27.97 3.87
N VAL A 451 -21.25 -28.99 4.73
CA VAL A 451 -22.39 -29.89 4.87
C VAL A 451 -23.66 -29.19 5.32
N ASN A 452 -23.51 -28.19 6.20
CA ASN A 452 -24.66 -27.45 6.69
C ASN A 452 -25.37 -26.70 5.57
N ILE A 453 -24.70 -26.55 4.44
CA ILE A 453 -25.27 -25.85 3.30
C ILE A 453 -25.70 -26.85 2.21
N LEU A 454 -24.79 -27.76 1.87
CA LEU A 454 -25.05 -28.76 0.85
C LEU A 454 -26.15 -29.74 1.24
N HIS A 455 -26.29 -29.98 2.54
CA HIS A 455 -27.29 -30.92 3.06
C HIS A 455 -28.27 -30.28 4.05
N ARG A 456 -28.32 -28.95 4.05
CA ARG A 456 -29.23 -28.21 4.92
C ARG A 456 -30.67 -28.78 4.88
N ARG A 457 -31.14 -29.17 3.69
CA ARG A 457 -32.45 -29.72 3.46
C ARG A 457 -32.48 -31.21 3.80
N THR A 458 -31.38 -31.94 3.58
CA THR A 458 -31.32 -33.37 3.88
C THR A 458 -31.32 -33.55 5.38
N ILE A 459 -30.50 -32.76 6.05
CA ILE A 459 -30.36 -32.80 7.49
C ILE A 459 -31.61 -32.26 8.17
N ALA A 460 -32.32 -31.36 7.49
CA ALA A 460 -33.54 -30.77 8.04
C ALA A 460 -34.53 -31.89 8.34
N ASP A 461 -34.58 -32.87 7.45
CA ASP A 461 -35.47 -34.01 7.61
C ASP A 461 -34.95 -34.94 8.69
N ALA A 462 -35.81 -35.83 9.17
CA ALA A 462 -35.45 -36.77 10.22
C ALA A 462 -34.90 -36.04 11.44
N GLY A 463 -35.77 -35.36 12.16
CA GLY A 463 -35.35 -34.65 13.35
C GLY A 463 -34.75 -35.66 14.30
N ASP A 464 -35.26 -36.88 14.21
CA ASP A 464 -34.78 -37.98 15.02
C ASP A 464 -33.33 -38.18 14.57
N ASP A 465 -32.43 -38.30 15.53
CA ASP A 465 -31.02 -38.46 15.20
C ASP A 465 -30.59 -37.29 14.31
N ALA A 466 -30.86 -36.07 14.78
CA ALA A 466 -30.49 -34.88 14.04
C ALA A 466 -28.99 -34.91 13.81
N GLU A 467 -28.27 -35.31 14.86
CA GLU A 467 -26.82 -35.43 14.80
C GLU A 467 -26.51 -36.84 14.32
N ALA A 468 -25.21 -37.15 14.16
CA ALA A 468 -24.80 -38.47 13.70
C ALA A 468 -25.20 -38.64 12.25
N THR A 469 -26.26 -37.94 11.84
CA THR A 469 -26.76 -37.98 10.48
C THR A 469 -26.00 -36.90 9.71
N ARG A 470 -25.62 -35.85 10.43
CA ARG A 470 -24.86 -34.76 9.85
C ARG A 470 -23.39 -35.01 10.15
N ALA A 471 -23.14 -35.63 11.30
CA ALA A 471 -21.77 -35.96 11.70
C ALA A 471 -21.24 -36.97 10.70
N ARG A 472 -22.16 -37.73 10.12
CA ARG A 472 -21.80 -38.73 9.11
C ARG A 472 -21.50 -38.00 7.82
N LEU A 473 -22.38 -37.07 7.45
CA LEU A 473 -22.20 -36.28 6.24
C LEU A 473 -20.88 -35.51 6.33
N ILE A 474 -20.58 -35.01 7.53
CA ILE A 474 -19.35 -34.27 7.75
C ILE A 474 -18.17 -35.22 7.56
N GLN A 475 -18.30 -36.42 8.10
CA GLN A 475 -17.25 -37.43 7.97
C GLN A 475 -17.02 -37.79 6.52
N GLU A 476 -18.11 -37.93 5.76
CA GLU A 476 -18.00 -38.28 4.36
C GLU A 476 -17.33 -37.16 3.56
N TYR A 477 -17.75 -35.93 3.82
CA TYR A 477 -17.22 -34.76 3.13
C TYR A 477 -15.72 -34.60 3.37
N GLU A 478 -15.30 -34.71 4.63
CA GLU A 478 -13.90 -34.54 4.96
C GLU A 478 -13.02 -35.66 4.39
N ASP A 479 -13.49 -36.90 4.49
CA ASP A 479 -12.71 -38.01 3.97
C ASP A 479 -12.71 -38.03 2.44
N ALA A 480 -13.64 -37.28 1.86
CA ALA A 480 -13.74 -37.22 0.40
C ALA A 480 -13.10 -35.98 -0.23
N LEU A 481 -13.25 -34.82 0.41
CA LEU A 481 -12.70 -33.59 -0.15
C LEU A 481 -11.57 -32.91 0.63
N LEU A 482 -11.48 -33.16 1.93
CA LEU A 482 -10.44 -32.52 2.73
C LEU A 482 -9.05 -33.11 2.50
N ASN A 483 -8.60 -32.99 1.26
CA ASN A 483 -7.29 -33.48 0.85
C ASN A 483 -6.83 -32.66 -0.35
N PRO A 484 -5.68 -33.00 -0.95
CA PRO A 484 -5.20 -32.23 -2.10
C PRO A 484 -5.44 -32.91 -3.44
N TYR A 485 -6.13 -34.04 -3.44
CA TYR A 485 -6.33 -34.78 -4.67
C TYR A 485 -7.27 -34.19 -5.70
N THR A 486 -8.26 -33.40 -5.28
CA THR A 486 -9.14 -32.79 -6.25
C THR A 486 -8.33 -31.69 -6.96
N ALA A 487 -7.57 -30.93 -6.18
CA ALA A 487 -6.74 -29.87 -6.74
C ALA A 487 -5.70 -30.48 -7.67
N ALA A 488 -5.13 -31.61 -7.27
CA ALA A 488 -4.13 -32.31 -8.07
C ALA A 488 -4.74 -32.79 -9.38
N GLU A 489 -5.99 -33.25 -9.32
CA GLU A 489 -6.70 -33.72 -10.51
C GLU A 489 -6.83 -32.63 -11.56
N ARG A 490 -7.06 -31.41 -11.10
CA ARG A 490 -7.25 -30.24 -11.95
C ARG A 490 -5.90 -29.57 -12.27
N GLY A 491 -4.84 -30.03 -11.61
CA GLY A 491 -3.53 -29.44 -11.84
C GLY A 491 -3.28 -28.17 -11.06
N TYR A 492 -4.12 -27.89 -10.04
CA TYR A 492 -3.95 -26.70 -9.22
C TYR A 492 -2.62 -26.83 -8.48
N VAL A 493 -2.27 -28.08 -8.19
CA VAL A 493 -1.00 -28.35 -7.56
C VAL A 493 -0.31 -29.23 -8.61
N ASP A 494 0.97 -28.96 -8.88
CA ASP A 494 1.71 -29.73 -9.87
C ASP A 494 2.02 -31.13 -9.39
N ALA A 495 1.99 -31.35 -8.08
CA ALA A 495 2.26 -32.66 -7.54
C ALA A 495 1.96 -32.82 -6.05
N VAL A 496 1.63 -34.04 -5.67
CA VAL A 496 1.39 -34.38 -4.27
C VAL A 496 2.65 -35.16 -3.94
N ILE A 497 3.47 -34.62 -3.05
CA ILE A 497 4.74 -35.26 -2.73
C ILE A 497 4.90 -35.69 -1.29
N MET A 498 5.86 -36.57 -1.08
CA MET A 498 6.18 -37.03 0.27
C MET A 498 6.90 -35.84 0.88
N PRO A 499 6.53 -35.48 2.11
CA PRO A 499 7.17 -34.34 2.77
C PRO A 499 8.69 -34.36 2.63
N SER A 500 9.27 -35.54 2.81
CA SER A 500 10.72 -35.73 2.74
C SER A 500 11.35 -35.38 1.40
N ASP A 501 10.54 -35.23 0.37
CA ASP A 501 11.06 -34.89 -0.95
C ASP A 501 10.91 -33.41 -1.26
N THR A 502 10.54 -32.62 -0.26
CA THR A 502 10.36 -31.19 -0.47
C THR A 502 11.65 -30.49 -0.91
N ARG A 503 12.74 -30.75 -0.19
CA ARG A 503 14.02 -30.14 -0.54
C ARG A 503 14.41 -30.47 -1.98
N ARG A 504 14.23 -31.73 -2.36
CA ARG A 504 14.57 -32.17 -3.71
C ARG A 504 13.80 -31.35 -4.73
N HIS A 505 12.49 -31.23 -4.51
CA HIS A 505 11.63 -30.48 -5.41
C HIS A 505 12.01 -29.01 -5.51
N ILE A 506 12.23 -28.36 -4.36
CA ILE A 506 12.59 -26.95 -4.37
C ILE A 506 13.94 -26.74 -5.08
N VAL A 507 14.90 -27.61 -4.81
CA VAL A 507 16.21 -27.50 -5.44
C VAL A 507 16.16 -27.65 -6.96
N ARG A 508 15.51 -28.71 -7.42
CA ARG A 508 15.41 -28.95 -8.85
C ARG A 508 14.46 -27.94 -9.50
N GLY A 509 13.47 -27.47 -8.73
CA GLY A 509 12.54 -26.49 -9.28
C GLY A 509 13.24 -25.16 -9.55
N LEU A 510 13.98 -24.67 -8.56
CA LEU A 510 14.70 -23.40 -8.71
C LEU A 510 15.76 -23.45 -9.81
N ARG A 511 16.37 -24.62 -10.01
CA ARG A 511 17.38 -24.76 -11.06
C ARG A 511 16.78 -24.41 -12.42
N GLN A 512 15.57 -24.88 -12.68
CA GLN A 512 14.91 -24.62 -13.97
C GLN A 512 14.27 -23.24 -14.01
N LEU A 513 13.68 -22.83 -12.88
CA LEU A 513 13.00 -21.55 -12.79
C LEU A 513 13.91 -20.32 -12.79
N ARG A 514 15.20 -20.50 -12.51
CA ARG A 514 16.09 -19.35 -12.46
C ARG A 514 16.19 -18.56 -13.76
N THR A 515 15.77 -19.17 -14.86
CA THR A 515 15.80 -18.51 -16.15
C THR A 515 14.39 -18.00 -16.51
N LYS A 516 13.51 -17.95 -15.52
CA LYS A 516 12.14 -17.49 -15.75
C LYS A 516 12.10 -16.07 -16.28
N ARG A 517 11.41 -15.89 -17.41
CA ARG A 517 11.28 -14.56 -18.00
C ARG A 517 9.80 -14.27 -18.21
N GLU A 518 9.26 -13.36 -17.41
CA GLU A 518 7.86 -12.98 -17.52
C GLU A 518 7.73 -11.48 -17.29
N SER A 519 6.68 -10.88 -17.85
CA SER A 519 6.45 -9.46 -17.70
C SER A 519 4.96 -9.15 -17.66
N LEU A 520 4.63 -8.02 -17.05
CA LEU A 520 3.23 -7.60 -16.93
C LEU A 520 2.92 -6.60 -18.04
N PRO A 521 1.63 -6.27 -18.22
CA PRO A 521 1.29 -5.32 -19.28
C PRO A 521 1.98 -3.98 -19.00
N PRO A 522 2.38 -3.26 -20.07
CA PRO A 522 3.05 -1.97 -19.89
C PRO A 522 2.19 -0.98 -19.10
N LYS A 523 2.82 -0.25 -18.19
CA LYS A 523 2.11 0.74 -17.36
C LYS A 523 3.14 1.59 -16.62
N LYS A 524 2.72 2.77 -16.14
CA LYS A 524 3.65 3.61 -15.39
C LYS A 524 3.94 2.86 -14.10
N HIS A 525 2.88 2.29 -13.54
CA HIS A 525 2.94 1.53 -12.30
C HIS A 525 1.54 0.96 -12.04
N GLY A 526 1.43 0.12 -11.02
CA GLY A 526 0.14 -0.47 -10.67
C GLY A 526 -0.64 0.43 -9.72
N ASN A 527 -1.80 -0.03 -9.29
CA ASN A 527 -2.63 0.76 -8.39
C ASN A 527 -3.04 -0.14 -7.23
N ILE A 528 -2.04 -0.73 -6.59
CA ILE A 528 -2.28 -1.63 -5.47
C ILE A 528 -3.11 -0.96 -4.40
N PRO A 529 -4.01 -1.71 -3.76
CA PRO A 529 -4.85 -1.16 -2.70
C PRO A 529 -3.98 -0.61 -1.56
N LEU A 530 -4.36 0.55 -1.02
CA LEU A 530 -3.61 1.19 0.06
C LEU A 530 -4.41 1.26 1.36
N ASP B 10 -39.70 -28.31 -37.84
CA ASP B 10 -38.81 -29.52 -37.89
C ASP B 10 -37.38 -29.11 -37.56
N ILE B 11 -36.81 -29.74 -36.53
CA ILE B 11 -35.45 -29.44 -36.11
C ILE B 11 -34.43 -29.87 -37.16
N HIS B 12 -34.88 -30.68 -38.13
CA HIS B 12 -34.00 -31.15 -39.18
C HIS B 12 -33.99 -30.22 -40.39
N THR B 13 -34.58 -29.04 -40.23
CA THR B 13 -34.62 -28.06 -41.31
C THR B 13 -33.92 -26.78 -40.85
N THR B 14 -33.53 -25.93 -41.79
CA THR B 14 -32.86 -24.68 -41.45
C THR B 14 -33.81 -23.79 -40.65
N ALA B 15 -35.03 -23.63 -41.15
CA ALA B 15 -36.02 -22.80 -40.48
C ALA B 15 -36.28 -23.32 -39.08
N GLY B 16 -36.23 -24.64 -38.90
CA GLY B 16 -36.43 -25.22 -37.59
C GLY B 16 -35.27 -24.95 -36.66
N LYS B 17 -34.07 -24.88 -37.22
CA LYS B 17 -32.88 -24.61 -36.41
C LYS B 17 -32.94 -23.17 -35.89
N LEU B 18 -33.38 -22.25 -36.75
CA LEU B 18 -33.46 -20.85 -36.36
C LEU B 18 -34.53 -20.70 -35.28
N ALA B 19 -35.64 -21.41 -35.45
CA ALA B 19 -36.73 -21.38 -34.49
C ALA B 19 -36.23 -21.95 -33.17
N ASP B 20 -35.41 -23.00 -33.26
CA ASP B 20 -34.85 -23.61 -32.04
C ASP B 20 -34.01 -22.59 -31.29
N LEU B 21 -33.22 -21.81 -32.03
CA LEU B 21 -32.38 -20.77 -31.43
C LEU B 21 -33.23 -19.76 -30.68
N ARG B 22 -34.32 -19.32 -31.30
CA ARG B 22 -35.19 -18.33 -30.68
C ARG B 22 -35.70 -18.84 -29.34
N ARG B 23 -35.96 -20.14 -29.26
CA ARG B 23 -36.41 -20.71 -28.01
C ARG B 23 -35.29 -20.64 -26.96
N ARG B 24 -34.09 -21.04 -27.36
CA ARG B 24 -32.96 -21.04 -26.44
C ARG B 24 -32.64 -19.63 -25.95
N ILE B 25 -32.62 -18.67 -26.85
CA ILE B 25 -32.31 -17.31 -26.46
C ILE B 25 -33.36 -16.80 -25.46
N GLU B 26 -34.58 -17.31 -25.58
CA GLU B 26 -35.65 -16.91 -24.69
C GLU B 26 -35.42 -17.51 -23.30
N GLU B 27 -35.01 -18.77 -23.27
CA GLU B 27 -34.74 -19.46 -22.01
C GLU B 27 -33.50 -18.86 -21.36
N ALA B 28 -32.53 -18.47 -22.18
CA ALA B 28 -31.28 -17.89 -21.71
C ALA B 28 -31.49 -16.53 -21.07
N THR B 29 -32.26 -15.68 -21.73
CA THR B 29 -32.51 -14.33 -21.21
C THR B 29 -33.41 -14.35 -19.98
N HIS B 30 -33.99 -15.52 -19.68
CA HIS B 30 -34.87 -15.68 -18.53
C HIS B 30 -34.40 -16.86 -17.70
N ALA B 31 -33.08 -16.95 -17.50
CA ALA B 31 -32.49 -18.05 -16.73
C ALA B 31 -33.09 -18.19 -15.34
N GLY B 32 -33.17 -17.08 -14.61
CA GLY B 32 -33.74 -17.09 -13.27
C GLY B 32 -35.24 -17.31 -13.28
N SER B 33 -35.75 -17.95 -12.21
CA SER B 33 -37.18 -18.22 -12.10
C SER B 33 -37.95 -16.94 -11.84
N ALA B 34 -39.17 -16.90 -12.37
CA ALA B 34 -40.01 -15.73 -12.19
C ALA B 34 -40.12 -15.34 -10.71
N ARG B 35 -40.21 -16.33 -9.85
CA ARG B 35 -40.31 -16.07 -8.42
C ARG B 35 -39.01 -15.50 -7.90
N ALA B 36 -37.89 -15.97 -8.46
CA ALA B 36 -36.57 -15.51 -8.05
C ALA B 36 -36.43 -14.03 -8.40
N VAL B 37 -36.87 -13.68 -9.60
CA VAL B 37 -36.80 -12.30 -10.06
C VAL B 37 -37.72 -11.45 -9.17
N GLU B 38 -38.84 -12.03 -8.77
CA GLU B 38 -39.81 -11.36 -7.92
C GLU B 38 -39.15 -11.08 -6.56
N LYS B 39 -38.47 -12.08 -6.02
CA LYS B 39 -37.79 -11.91 -4.72
C LYS B 39 -36.75 -10.81 -4.83
N GLN B 40 -36.00 -10.79 -5.94
CA GLN B 40 -34.97 -9.78 -6.16
C GLN B 40 -35.59 -8.39 -6.17
N HIS B 41 -36.64 -8.23 -7.00
CA HIS B 41 -37.33 -6.96 -7.12
C HIS B 41 -37.96 -6.49 -5.80
N ALA B 42 -38.49 -7.42 -5.03
CA ALA B 42 -39.12 -7.08 -3.75
C ALA B 42 -38.10 -6.47 -2.79
N LYS B 43 -36.85 -6.89 -2.92
CA LYS B 43 -35.78 -6.38 -2.07
C LYS B 43 -35.28 -5.04 -2.58
N GLY B 44 -35.90 -4.54 -3.64
CA GLY B 44 -35.48 -3.26 -4.21
C GLY B 44 -34.29 -3.39 -5.13
N LYS B 45 -33.92 -4.64 -5.46
CA LYS B 45 -32.78 -4.89 -6.33
C LYS B 45 -33.25 -5.13 -7.77
N LEU B 46 -32.43 -4.73 -8.74
CA LEU B 46 -32.75 -4.94 -10.15
C LEU B 46 -32.11 -6.26 -10.59
N THR B 47 -32.48 -6.74 -11.77
CA THR B 47 -31.92 -7.98 -12.28
C THR B 47 -30.61 -7.69 -13.00
N ALA B 48 -29.79 -8.72 -13.16
CA ALA B 48 -28.49 -8.59 -13.83
C ALA B 48 -28.62 -7.91 -15.18
N ARG B 49 -29.61 -8.33 -15.97
CA ARG B 49 -29.82 -7.77 -17.31
C ARG B 49 -30.39 -6.35 -17.29
N GLU B 50 -31.15 -6.01 -16.25
CA GLU B 50 -31.70 -4.66 -16.16
C GLU B 50 -30.58 -3.69 -15.83
N ARG B 51 -29.61 -4.16 -15.05
CA ARG B 51 -28.48 -3.32 -14.66
C ARG B 51 -27.60 -3.00 -15.86
N ILE B 52 -27.41 -3.98 -16.76
CA ILE B 52 -26.61 -3.76 -17.94
C ILE B 52 -27.29 -2.77 -18.87
N ASP B 53 -28.61 -2.89 -19.02
CA ASP B 53 -29.36 -1.98 -19.88
C ASP B 53 -29.22 -0.53 -19.43
N LEU B 54 -29.20 -0.33 -18.11
CA LEU B 54 -29.07 1.01 -17.54
C LEU B 54 -27.70 1.59 -17.84
N LEU B 55 -26.68 0.76 -17.68
CA LEU B 55 -25.28 1.17 -17.89
C LEU B 55 -24.88 1.46 -19.33
N LEU B 56 -25.16 0.52 -20.22
CA LEU B 56 -24.77 0.64 -21.62
C LEU B 56 -25.72 1.48 -22.48
N ASP B 57 -25.19 2.04 -23.57
CA ASP B 57 -26.01 2.83 -24.49
C ASP B 57 -26.96 1.84 -25.17
N GLU B 58 -28.20 2.27 -25.38
CA GLU B 58 -29.21 1.42 -26.00
C GLU B 58 -28.75 0.75 -27.29
N GLY B 59 -29.00 -0.54 -27.38
CA GLY B 59 -28.63 -1.30 -28.56
C GLY B 59 -27.15 -1.61 -28.73
N SER B 60 -26.28 -1.14 -27.83
CA SER B 60 -24.85 -1.40 -27.96
C SER B 60 -24.41 -2.72 -27.34
N PHE B 61 -25.25 -3.30 -26.50
CA PHE B 61 -24.88 -4.54 -25.84
C PHE B 61 -24.76 -5.75 -26.75
N VAL B 62 -23.65 -6.45 -26.62
CA VAL B 62 -23.37 -7.65 -27.38
C VAL B 62 -22.97 -8.69 -26.34
N GLU B 63 -23.84 -9.66 -26.11
CA GLU B 63 -23.59 -10.69 -25.11
C GLU B 63 -22.66 -11.80 -25.56
N LEU B 64 -21.79 -12.22 -24.66
CA LEU B 64 -20.85 -13.29 -24.92
C LEU B 64 -21.23 -14.48 -24.04
N ASP B 65 -20.99 -15.69 -24.54
CA ASP B 65 -21.29 -16.90 -23.78
C ASP B 65 -22.71 -16.94 -23.22
N GLU B 66 -23.67 -16.55 -24.03
CA GLU B 66 -25.07 -16.54 -23.60
C GLU B 66 -25.59 -17.93 -23.28
N PHE B 67 -25.06 -18.94 -23.98
CA PHE B 67 -25.49 -20.31 -23.79
C PHE B 67 -24.49 -21.17 -23.04
N ALA B 68 -23.65 -20.54 -22.23
CA ALA B 68 -22.66 -21.28 -21.47
C ALA B 68 -23.39 -22.07 -20.39
N ARG B 69 -22.84 -23.22 -20.02
CA ARG B 69 -23.45 -24.06 -18.98
C ARG B 69 -22.35 -24.74 -18.16
N HIS B 70 -22.59 -24.96 -16.88
CA HIS B 70 -21.58 -25.60 -16.03
C HIS B 70 -21.39 -27.08 -16.37
N ARG B 71 -20.22 -27.61 -16.03
CA ARG B 71 -19.88 -28.99 -16.33
C ARG B 71 -19.67 -29.80 -15.06
N SER B 72 -20.38 -29.43 -14.00
CA SER B 72 -20.26 -30.13 -12.73
C SER B 72 -21.32 -31.20 -12.51
N THR B 73 -20.93 -32.26 -11.82
CA THR B 73 -21.84 -33.36 -11.49
C THR B 73 -21.80 -33.58 -9.98
N ASN B 74 -21.18 -32.64 -9.27
CA ASN B 74 -21.08 -32.72 -7.81
C ASN B 74 -22.40 -32.39 -7.11
N PHE B 75 -22.79 -33.24 -6.17
CA PHE B 75 -24.02 -33.04 -5.40
C PHE B 75 -25.21 -32.73 -6.30
N GLY B 76 -25.41 -33.57 -7.32
CA GLY B 76 -26.53 -33.39 -8.24
C GLY B 76 -26.69 -32.00 -8.82
N LEU B 77 -25.59 -31.25 -8.93
CA LEU B 77 -25.65 -29.92 -9.48
C LEU B 77 -26.05 -29.99 -10.94
N ASP B 78 -25.61 -31.04 -11.64
CA ASP B 78 -25.93 -31.22 -13.05
C ASP B 78 -27.42 -31.36 -13.31
N ALA B 79 -28.21 -31.39 -12.25
CA ALA B 79 -29.66 -31.50 -12.38
C ALA B 79 -30.20 -30.22 -13.02
N ASN B 80 -29.48 -29.12 -12.83
CA ASN B 80 -29.89 -27.84 -13.40
C ASN B 80 -28.67 -27.12 -14.00
N ARG B 81 -28.67 -26.96 -15.31
CA ARG B 81 -27.58 -26.28 -16.00
C ARG B 81 -28.14 -25.10 -16.80
N PRO B 82 -28.51 -24.02 -16.11
CA PRO B 82 -29.06 -22.83 -16.76
C PRO B 82 -28.09 -22.11 -17.69
N TYR B 83 -28.60 -21.66 -18.83
CA TYR B 83 -27.80 -20.92 -19.81
C TYR B 83 -27.22 -19.69 -19.12
N GLY B 84 -25.97 -19.37 -19.45
CA GLY B 84 -25.31 -18.22 -18.86
C GLY B 84 -24.56 -18.57 -17.59
N ASP B 85 -25.03 -19.61 -16.92
CA ASP B 85 -24.45 -20.10 -15.69
C ASP B 85 -24.30 -19.08 -14.57
N GLY B 86 -25.33 -18.25 -14.38
CA GLY B 86 -25.30 -17.27 -13.30
C GLY B 86 -24.65 -15.91 -13.48
N VAL B 87 -24.22 -15.58 -14.69
CA VAL B 87 -23.62 -14.28 -14.94
C VAL B 87 -23.76 -13.82 -16.39
N VAL B 88 -24.20 -12.58 -16.57
CA VAL B 88 -24.38 -12.02 -17.92
C VAL B 88 -23.15 -11.21 -18.29
N THR B 89 -22.55 -11.54 -19.42
CA THR B 89 -21.34 -10.87 -19.88
C THR B 89 -21.40 -10.40 -21.32
N GLY B 90 -20.57 -9.42 -21.64
CA GLY B 90 -20.50 -8.93 -23.00
C GLY B 90 -19.78 -7.60 -23.05
N TYR B 91 -19.98 -6.89 -24.15
CA TYR B 91 -19.37 -5.59 -24.31
C TYR B 91 -20.36 -4.66 -24.99
N GLY B 92 -20.08 -3.36 -24.92
CA GLY B 92 -20.95 -2.36 -25.53
C GLY B 92 -20.29 -1.01 -25.42
N THR B 93 -21.10 0.05 -25.39
CA THR B 93 -20.57 1.40 -25.29
C THR B 93 -21.25 2.20 -24.18
N VAL B 94 -20.49 3.07 -23.54
CA VAL B 94 -21.00 3.93 -22.48
C VAL B 94 -20.67 5.34 -22.95
N ASP B 95 -21.70 6.10 -23.31
CA ASP B 95 -21.50 7.46 -23.82
C ASP B 95 -20.67 7.38 -25.11
N GLY B 96 -20.92 6.35 -25.90
CA GLY B 96 -20.21 6.18 -27.16
C GLY B 96 -18.81 5.61 -27.06
N ARG B 97 -18.40 5.23 -25.85
CA ARG B 97 -17.05 4.70 -25.65
C ARG B 97 -17.11 3.22 -25.30
N PRO B 98 -16.15 2.44 -25.82
CA PRO B 98 -16.09 0.98 -25.57
C PRO B 98 -15.92 0.61 -24.11
N VAL B 99 -16.71 -0.36 -23.67
CA VAL B 99 -16.68 -0.83 -22.29
C VAL B 99 -17.02 -2.33 -22.22
N ALA B 100 -16.30 -3.07 -21.38
CA ALA B 100 -16.53 -4.51 -21.20
C ALA B 100 -17.29 -4.64 -19.88
N VAL B 101 -18.22 -5.58 -19.81
CA VAL B 101 -18.99 -5.70 -18.57
C VAL B 101 -19.49 -7.10 -18.21
N PHE B 102 -19.67 -7.34 -16.92
CA PHE B 102 -20.22 -8.61 -16.47
C PHE B 102 -21.21 -8.28 -15.36
N SER B 103 -22.31 -9.02 -15.29
CA SER B 103 -23.33 -8.74 -14.28
C SER B 103 -23.78 -10.05 -13.65
N GLN B 104 -23.39 -10.25 -12.40
CA GLN B 104 -23.72 -11.48 -11.68
C GLN B 104 -25.22 -11.59 -11.45
N ASP B 105 -25.77 -12.76 -11.75
CA ASP B 105 -27.20 -13.02 -11.61
C ASP B 105 -27.52 -13.74 -10.31
N PHE B 106 -27.98 -12.97 -9.33
CA PHE B 106 -28.33 -13.51 -8.02
C PHE B 106 -29.46 -14.54 -8.09
N THR B 107 -30.34 -14.44 -9.09
CA THR B 107 -31.45 -15.37 -9.22
C THR B 107 -31.02 -16.76 -9.66
N VAL B 108 -29.77 -16.91 -10.08
CA VAL B 108 -29.25 -18.20 -10.52
C VAL B 108 -28.22 -18.74 -9.51
N PHE B 109 -28.60 -19.80 -8.80
CA PHE B 109 -27.72 -20.40 -7.79
C PHE B 109 -27.32 -19.35 -6.76
N GLY B 110 -28.19 -18.37 -6.52
CA GLY B 110 -27.89 -17.32 -5.57
C GLY B 110 -26.69 -16.50 -6.03
N GLY B 111 -26.40 -16.57 -7.32
CA GLY B 111 -25.27 -15.84 -7.87
C GLY B 111 -23.93 -16.43 -7.45
N ALA B 112 -23.96 -17.63 -6.86
CA ALA B 112 -22.73 -18.30 -6.43
C ALA B 112 -21.77 -18.50 -7.60
N LEU B 113 -20.52 -18.08 -7.42
CA LEU B 113 -19.48 -18.18 -8.43
C LEU B 113 -19.02 -19.61 -8.70
N GLY B 114 -19.09 -20.02 -9.96
CA GLY B 114 -18.66 -21.35 -10.36
C GLY B 114 -17.54 -21.29 -11.39
N GLU B 115 -17.12 -22.45 -11.87
CA GLU B 115 -16.05 -22.56 -12.87
C GLU B 115 -16.39 -21.81 -14.17
N VAL B 116 -17.44 -22.23 -14.84
CA VAL B 116 -17.84 -21.59 -16.09
C VAL B 116 -18.16 -20.12 -15.82
N TYR B 117 -18.84 -19.90 -14.70
CA TYR B 117 -19.20 -18.56 -14.26
C TYR B 117 -17.91 -17.71 -14.27
N GLY B 118 -16.88 -18.18 -13.58
CA GLY B 118 -15.64 -17.44 -13.52
C GLY B 118 -14.94 -17.29 -14.86
N GLN B 119 -14.98 -18.34 -15.67
CA GLN B 119 -14.35 -18.28 -16.98
C GLN B 119 -15.01 -17.20 -17.85
N LYS B 120 -16.30 -16.97 -17.65
CA LYS B 120 -17.00 -15.94 -18.41
C LYS B 120 -16.45 -14.58 -18.02
N ILE B 121 -16.27 -14.34 -16.72
CA ILE B 121 -15.72 -13.09 -16.23
C ILE B 121 -14.29 -12.90 -16.76
N VAL B 122 -13.51 -13.98 -16.80
CA VAL B 122 -12.15 -13.88 -17.31
C VAL B 122 -12.17 -13.44 -18.78
N LYS B 123 -13.06 -14.04 -19.57
CA LYS B 123 -13.16 -13.68 -20.98
C LYS B 123 -13.40 -12.17 -21.18
N VAL B 124 -14.25 -11.58 -20.34
CA VAL B 124 -14.54 -10.15 -20.44
C VAL B 124 -13.29 -9.35 -20.07
N MET B 125 -12.58 -9.79 -19.05
CA MET B 125 -11.37 -9.10 -18.63
C MET B 125 -10.29 -9.21 -19.71
N ASP B 126 -10.18 -10.38 -20.35
CA ASP B 126 -9.20 -10.57 -21.41
C ASP B 126 -9.56 -9.66 -22.59
N PHE B 127 -10.85 -9.63 -22.95
CA PHE B 127 -11.30 -8.78 -24.05
C PHE B 127 -10.94 -7.32 -23.79
N ALA B 128 -11.22 -6.88 -22.56
CA ALA B 128 -10.95 -5.51 -22.15
C ALA B 128 -9.47 -5.17 -22.21
N LEU B 129 -8.63 -6.08 -21.75
CA LEU B 129 -7.19 -5.87 -21.75
C LEU B 129 -6.70 -5.84 -23.19
N LYS B 130 -7.14 -6.83 -23.98
CA LYS B 130 -6.75 -6.91 -25.38
C LYS B 130 -7.08 -5.64 -26.17
N THR B 131 -8.33 -5.17 -26.06
CA THR B 131 -8.75 -3.98 -26.79
C THR B 131 -8.46 -2.69 -26.04
N GLY B 132 -8.08 -2.78 -24.78
CA GLY B 132 -7.80 -1.59 -24.01
C GLY B 132 -9.02 -0.76 -23.67
N CYS B 133 -10.03 -1.38 -23.06
CA CYS B 133 -11.22 -0.64 -22.66
C CYS B 133 -11.54 -0.91 -21.20
N PRO B 134 -12.34 -0.02 -20.58
CA PRO B 134 -12.71 -0.19 -19.17
C PRO B 134 -13.50 -1.46 -18.91
N VAL B 135 -13.41 -1.93 -17.67
CA VAL B 135 -14.15 -3.10 -17.22
C VAL B 135 -15.09 -2.68 -16.09
N VAL B 136 -16.40 -2.85 -16.27
CA VAL B 136 -17.34 -2.52 -15.23
C VAL B 136 -17.88 -3.83 -14.67
N GLY B 137 -17.55 -4.10 -13.41
CA GLY B 137 -18.02 -5.32 -12.77
C GLY B 137 -19.21 -5.06 -11.86
N ILE B 138 -20.33 -5.73 -12.14
CA ILE B 138 -21.55 -5.56 -11.34
C ILE B 138 -21.67 -6.81 -10.47
N ASN B 139 -21.42 -6.63 -9.18
CA ASN B 139 -21.44 -7.75 -8.25
C ASN B 139 -22.70 -7.93 -7.44
N ASP B 140 -23.13 -9.18 -7.34
CA ASP B 140 -24.35 -9.56 -6.62
C ASP B 140 -24.29 -11.09 -6.52
N SER B 141 -23.45 -11.57 -5.60
CA SER B 141 -23.24 -13.00 -5.40
C SER B 141 -23.21 -13.41 -3.94
N GLY B 142 -23.90 -14.51 -3.63
CA GLY B 142 -23.92 -14.98 -2.27
C GLY B 142 -22.58 -15.56 -1.86
N GLY B 143 -21.69 -15.77 -2.83
CA GLY B 143 -20.39 -16.32 -2.52
C GLY B 143 -19.94 -17.35 -3.53
N ALA B 144 -19.16 -18.33 -3.07
CA ALA B 144 -18.67 -19.38 -3.95
C ALA B 144 -19.67 -20.53 -4.05
N ARG B 145 -19.77 -21.13 -5.22
CA ARG B 145 -20.67 -22.24 -5.43
C ARG B 145 -20.03 -23.49 -4.81
N ILE B 146 -20.32 -23.74 -3.53
CA ILE B 146 -19.78 -24.87 -2.78
C ILE B 146 -19.75 -26.21 -3.53
N GLN B 147 -20.84 -26.51 -4.24
CA GLN B 147 -20.91 -27.76 -4.98
C GLN B 147 -19.67 -28.02 -5.84
N GLU B 148 -19.21 -26.98 -6.52
CA GLU B 148 -18.05 -27.11 -7.41
C GLU B 148 -16.71 -27.20 -6.69
N GLY B 149 -16.74 -27.21 -5.35
CA GLY B 149 -15.50 -27.31 -4.59
C GLY B 149 -14.41 -26.33 -4.98
N VAL B 150 -13.17 -26.80 -4.95
CA VAL B 150 -12.01 -25.98 -5.27
C VAL B 150 -12.06 -25.32 -6.65
N ALA B 151 -12.92 -25.82 -7.51
CA ALA B 151 -13.06 -25.26 -8.85
C ALA B 151 -13.46 -23.79 -8.77
N SER B 152 -14.18 -23.42 -7.72
CA SER B 152 -14.60 -22.03 -7.58
C SER B 152 -13.40 -21.18 -7.18
N LEU B 153 -12.51 -21.74 -6.36
CA LEU B 153 -11.33 -21.03 -5.90
C LEU B 153 -10.39 -20.78 -7.05
N GLY B 154 -10.37 -21.71 -8.00
CA GLY B 154 -9.51 -21.53 -9.16
C GLY B 154 -9.93 -20.33 -9.97
N ALA B 155 -11.24 -20.21 -10.21
CA ALA B 155 -11.78 -19.09 -10.97
C ALA B 155 -11.47 -17.76 -10.29
N TYR B 156 -11.65 -17.71 -8.96
CA TYR B 156 -11.36 -16.51 -8.20
C TYR B 156 -9.91 -16.08 -8.39
N GLY B 157 -9.00 -17.04 -8.24
CA GLY B 157 -7.59 -16.76 -8.40
C GLY B 157 -7.26 -16.21 -9.79
N GLU B 158 -7.86 -16.77 -10.82
CA GLU B 158 -7.62 -16.32 -12.18
C GLU B 158 -8.12 -14.89 -12.35
N ILE B 159 -9.24 -14.57 -11.71
CA ILE B 159 -9.79 -13.23 -11.79
C ILE B 159 -8.87 -12.27 -11.05
N PHE B 160 -8.43 -12.67 -9.86
CA PHE B 160 -7.52 -11.81 -9.09
C PHE B 160 -6.30 -11.43 -9.92
N ARG B 161 -5.71 -12.44 -10.57
CA ARG B 161 -4.51 -12.23 -11.39
C ARG B 161 -4.76 -11.20 -12.48
N ARG B 162 -5.90 -11.32 -13.16
CA ARG B 162 -6.26 -10.37 -14.22
C ARG B 162 -6.41 -8.98 -13.62
N ASN B 163 -7.06 -8.89 -12.47
CA ASN B 163 -7.26 -7.60 -11.80
C ASN B 163 -5.93 -6.90 -11.60
N THR B 164 -4.93 -7.66 -11.16
CA THR B 164 -3.60 -7.14 -10.89
C THR B 164 -2.88 -6.74 -12.16
N HIS B 165 -2.85 -7.62 -13.15
CA HIS B 165 -2.17 -7.29 -14.38
C HIS B 165 -2.79 -6.08 -15.08
N ALA B 166 -4.11 -5.93 -14.97
CA ALA B 166 -4.82 -4.82 -15.60
C ALA B 166 -4.79 -3.54 -14.74
N SER B 167 -4.29 -3.65 -13.52
CA SER B 167 -4.22 -2.52 -12.60
C SER B 167 -3.33 -1.42 -13.17
N GLY B 168 -3.92 -0.25 -13.39
CA GLY B 168 -3.18 0.87 -13.94
C GLY B 168 -3.00 0.78 -15.46
N VAL B 169 -3.73 -0.15 -16.08
CA VAL B 169 -3.65 -0.34 -17.53
C VAL B 169 -4.99 0.08 -18.14
N ILE B 170 -6.07 -0.49 -17.61
CA ILE B 170 -7.40 -0.15 -18.04
C ILE B 170 -8.22 0.11 -16.78
N PRO B 171 -9.12 1.11 -16.83
CA PRO B 171 -9.94 1.42 -15.65
C PRO B 171 -10.76 0.21 -15.22
N GLN B 172 -10.83 -0.04 -13.92
CA GLN B 172 -11.61 -1.16 -13.39
C GLN B 172 -12.54 -0.59 -12.33
N ILE B 173 -13.84 -0.62 -12.62
CA ILE B 173 -14.84 -0.11 -11.69
C ILE B 173 -15.72 -1.27 -11.20
N SER B 174 -15.90 -1.35 -9.89
CA SER B 174 -16.73 -2.38 -9.28
C SER B 174 -18.03 -1.78 -8.76
N LEU B 175 -19.14 -2.27 -9.30
CA LEU B 175 -20.46 -1.82 -8.88
C LEU B 175 -21.01 -2.94 -7.99
N VAL B 176 -21.06 -2.71 -6.69
CA VAL B 176 -21.56 -3.72 -5.78
C VAL B 176 -22.99 -3.38 -5.40
N VAL B 177 -23.93 -4.15 -5.94
CA VAL B 177 -25.35 -3.95 -5.70
C VAL B 177 -25.99 -5.19 -5.11
N GLY B 178 -25.17 -5.97 -4.41
CA GLY B 178 -25.66 -7.17 -3.78
C GLY B 178 -24.59 -7.70 -2.86
N PRO B 179 -24.67 -9.00 -2.49
CA PRO B 179 -23.67 -9.59 -1.59
C PRO B 179 -22.33 -9.81 -2.29
N CYS B 180 -21.25 -9.77 -1.51
CA CYS B 180 -19.89 -10.03 -1.99
C CYS B 180 -19.21 -10.61 -0.75
N ALA B 181 -19.18 -11.93 -0.64
CA ALA B 181 -18.63 -12.60 0.52
C ALA B 181 -17.44 -13.51 0.23
N GLY B 182 -16.65 -13.80 1.25
CA GLY B 182 -15.50 -14.67 1.07
C GLY B 182 -14.38 -13.95 0.34
N GLY B 183 -13.49 -14.73 -0.26
CA GLY B 183 -12.37 -14.15 -1.00
C GLY B 183 -12.82 -13.25 -2.13
N ALA B 184 -14.08 -13.40 -2.54
CA ALA B 184 -14.63 -12.60 -3.63
C ALA B 184 -14.42 -11.10 -3.45
N VAL B 185 -14.42 -10.65 -2.20
CA VAL B 185 -14.25 -9.24 -1.90
C VAL B 185 -12.93 -8.68 -2.43
N TYR B 186 -11.91 -9.54 -2.54
CA TYR B 186 -10.60 -9.11 -3.01
C TYR B 186 -10.52 -8.65 -4.45
N SER B 187 -11.48 -9.06 -5.28
CA SER B 187 -11.45 -8.66 -6.67
C SER B 187 -11.81 -7.17 -6.75
N PRO B 188 -12.94 -6.78 -6.14
CA PRO B 188 -13.31 -5.36 -6.17
C PRO B 188 -12.24 -4.53 -5.47
N ALA B 189 -11.62 -5.12 -4.47
CA ALA B 189 -10.57 -4.44 -3.70
C ALA B 189 -9.46 -3.95 -4.62
N ILE B 190 -9.12 -4.78 -5.60
CA ILE B 190 -8.06 -4.43 -6.52
C ILE B 190 -8.51 -3.42 -7.57
N THR B 191 -9.78 -3.43 -7.94
CA THR B 191 -10.27 -2.49 -8.95
C THR B 191 -10.04 -1.06 -8.45
N ASP B 192 -10.04 -0.11 -9.38
CA ASP B 192 -9.79 1.29 -9.08
C ASP B 192 -10.85 1.98 -8.25
N PHE B 193 -12.11 1.72 -8.55
CA PHE B 193 -13.20 2.35 -7.83
C PHE B 193 -14.30 1.33 -7.52
N THR B 194 -14.84 1.39 -6.31
CA THR B 194 -15.93 0.51 -5.89
C THR B 194 -17.14 1.34 -5.45
N VAL B 195 -18.29 1.14 -6.09
CA VAL B 195 -19.50 1.88 -5.76
C VAL B 195 -20.56 0.94 -5.18
N MET B 196 -21.05 1.27 -3.98
CA MET B 196 -22.05 0.46 -3.31
C MET B 196 -23.41 1.15 -3.23
N VAL B 197 -24.44 0.37 -2.90
CA VAL B 197 -25.80 0.89 -2.76
C VAL B 197 -26.26 0.67 -1.33
N ASP B 198 -26.66 1.76 -0.69
CA ASP B 198 -27.11 1.72 0.70
C ASP B 198 -28.23 0.73 0.97
N GLN B 199 -28.04 -0.09 2.00
CA GLN B 199 -29.03 -1.08 2.40
C GLN B 199 -29.34 -2.13 1.33
N THR B 200 -28.57 -2.14 0.25
CA THR B 200 -28.82 -3.07 -0.84
C THR B 200 -27.60 -3.94 -1.15
N SER B 201 -26.45 -3.54 -0.64
CA SER B 201 -25.21 -4.27 -0.89
C SER B 201 -24.38 -4.43 0.37
N HIS B 202 -23.62 -5.52 0.43
CA HIS B 202 -22.76 -5.78 1.58
C HIS B 202 -21.49 -6.51 1.15
N MET B 203 -20.39 -6.23 1.82
CA MET B 203 -19.12 -6.89 1.52
C MET B 203 -18.50 -7.33 2.85
N PHE B 204 -18.00 -8.55 2.87
CA PHE B 204 -17.39 -9.10 4.07
C PHE B 204 -16.63 -10.39 3.77
N ILE B 205 -15.52 -10.58 4.44
CA ILE B 205 -14.70 -11.77 4.25
C ILE B 205 -15.24 -12.92 5.08
N THR B 206 -15.76 -12.58 6.27
CA THR B 206 -16.31 -13.59 7.17
C THR B 206 -17.72 -13.19 7.61
N GLY B 207 -18.64 -14.14 7.60
CA GLY B 207 -20.01 -13.86 8.00
C GLY B 207 -20.20 -13.59 9.48
N PRO B 208 -21.33 -12.97 9.87
CA PRO B 208 -21.65 -12.65 11.27
C PRO B 208 -21.72 -13.89 12.16
N ASP B 209 -22.19 -14.99 11.60
CA ASP B 209 -22.32 -16.24 12.35
C ASP B 209 -20.98 -16.79 12.78
N VAL B 210 -20.02 -16.79 11.85
CA VAL B 210 -18.69 -17.31 12.12
C VAL B 210 -17.97 -16.48 13.19
N ILE B 211 -17.97 -15.17 13.02
CA ILE B 211 -17.30 -14.29 13.97
C ILE B 211 -17.99 -14.37 15.33
N LYS B 212 -19.27 -14.68 15.31
CA LYS B 212 -20.07 -14.79 16.52
C LYS B 212 -19.67 -16.01 17.33
N THR B 213 -19.52 -17.14 16.65
CA THR B 213 -19.16 -18.40 17.31
C THR B 213 -17.66 -18.55 17.57
N VAL B 214 -16.88 -17.54 17.20
CA VAL B 214 -15.44 -17.60 17.38
C VAL B 214 -14.94 -16.44 18.24
N THR B 215 -15.63 -15.31 18.17
CA THR B 215 -15.23 -14.13 18.94
C THR B 215 -16.27 -13.79 19.99
N GLY B 216 -17.50 -14.21 19.75
CA GLY B 216 -18.58 -13.92 20.67
C GLY B 216 -19.19 -12.57 20.34
N GLU B 217 -18.69 -11.96 19.27
CA GLU B 217 -19.18 -10.65 18.84
C GLU B 217 -20.49 -10.78 18.06
N ASP B 218 -21.48 -10.01 18.47
CA ASP B 218 -22.78 -10.02 17.80
C ASP B 218 -22.89 -8.80 16.90
N VAL B 219 -23.12 -9.03 15.62
CA VAL B 219 -23.24 -7.93 14.67
C VAL B 219 -24.09 -8.34 13.47
N GLY B 220 -24.80 -7.37 12.89
CA GLY B 220 -25.63 -7.64 11.74
C GLY B 220 -24.87 -7.40 10.44
N PHE B 221 -25.42 -7.90 9.34
CA PHE B 221 -24.80 -7.73 8.03
C PHE B 221 -24.57 -6.28 7.69
N GLU B 222 -25.57 -5.43 7.96
CA GLU B 222 -25.49 -4.01 7.64
C GLU B 222 -24.33 -3.34 8.36
N GLU B 223 -24.19 -3.63 9.64
CA GLU B 223 -23.11 -3.04 10.41
C GLU B 223 -21.75 -3.63 10.06
N LEU B 224 -21.70 -4.93 9.83
CA LEU B 224 -20.46 -5.61 9.50
C LEU B 224 -19.84 -5.11 8.20
N GLY B 225 -20.60 -5.15 7.12
CA GLY B 225 -20.09 -4.73 5.84
C GLY B 225 -21.09 -4.04 4.92
N GLY B 226 -21.92 -3.17 5.49
CA GLY B 226 -22.89 -2.44 4.70
C GLY B 226 -22.24 -1.29 3.93
N ALA B 227 -23.00 -0.69 3.01
CA ALA B 227 -22.50 0.39 2.19
C ALA B 227 -21.91 1.52 3.03
N ARG B 228 -22.63 1.93 4.07
CA ARG B 228 -22.16 3.00 4.94
C ARG B 228 -20.87 2.60 5.66
N THR B 229 -20.83 1.37 6.18
CA THR B 229 -19.65 0.89 6.88
C THR B 229 -18.40 1.00 6.00
N HIS B 230 -18.48 0.47 4.78
CA HIS B 230 -17.35 0.50 3.88
C HIS B 230 -17.04 1.88 3.26
N ASN B 231 -17.99 2.81 3.33
CA ASN B 231 -17.77 4.14 2.79
C ASN B 231 -17.25 5.15 3.82
N SER B 232 -17.47 4.86 5.10
CA SER B 232 -17.01 5.80 6.11
C SER B 232 -16.09 5.22 7.18
N THR B 233 -16.03 3.89 7.28
CA THR B 233 -15.19 3.28 8.30
C THR B 233 -14.00 2.49 7.77
N SER B 234 -14.28 1.46 6.97
CA SER B 234 -13.25 0.61 6.40
C SER B 234 -12.43 1.30 5.30
N GLY B 235 -13.03 2.31 4.68
CA GLY B 235 -12.36 3.02 3.61
C GLY B 235 -12.14 2.16 2.38
N VAL B 236 -13.00 1.18 2.16
CA VAL B 236 -12.85 0.30 0.99
C VAL B 236 -13.71 0.73 -0.19
N ALA B 237 -14.83 1.38 0.10
CA ALA B 237 -15.72 1.85 -0.96
C ALA B 237 -15.49 3.33 -1.25
N HIS B 238 -15.78 3.75 -2.48
CA HIS B 238 -15.58 5.14 -2.87
C HIS B 238 -16.87 5.96 -2.96
N HIS B 239 -18.01 5.28 -2.90
CA HIS B 239 -19.29 5.99 -2.98
C HIS B 239 -20.46 5.11 -2.55
N MET B 240 -21.43 5.74 -1.90
CA MET B 240 -22.64 5.06 -1.46
C MET B 240 -23.83 5.74 -2.13
N ALA B 241 -24.48 5.05 -3.05
CA ALA B 241 -25.63 5.60 -3.76
C ALA B 241 -26.91 5.24 -3.02
N GLY B 242 -27.92 6.09 -3.16
CA GLY B 242 -29.19 5.84 -2.50
C GLY B 242 -29.94 4.70 -3.17
N ASP B 243 -29.64 4.47 -4.45
CA ASP B 243 -30.27 3.41 -5.21
C ASP B 243 -29.36 3.00 -6.36
N GLU B 244 -29.77 1.95 -7.08
CA GLU B 244 -28.98 1.44 -8.18
C GLU B 244 -28.87 2.40 -9.36
N LYS B 245 -29.96 3.10 -9.64
CA LYS B 245 -29.98 4.06 -10.73
C LYS B 245 -28.89 5.12 -10.50
N ASP B 246 -28.85 5.68 -9.29
CA ASP B 246 -27.84 6.67 -8.97
C ASP B 246 -26.45 6.04 -9.05
N ALA B 247 -26.33 4.79 -8.61
CA ALA B 247 -25.05 4.09 -8.63
C ALA B 247 -24.52 3.99 -10.05
N VAL B 248 -25.39 3.64 -10.99
CA VAL B 248 -25.00 3.53 -12.39
C VAL B 248 -24.58 4.89 -12.94
N GLU B 249 -25.30 5.93 -12.54
CA GLU B 249 -24.99 7.27 -13.00
C GLU B 249 -23.60 7.67 -12.50
N TYR B 250 -23.29 7.29 -11.26
CA TYR B 250 -21.99 7.60 -10.66
C TYR B 250 -20.85 6.96 -11.45
N VAL B 251 -20.99 5.68 -11.77
CA VAL B 251 -19.94 4.98 -12.50
C VAL B 251 -19.76 5.59 -13.89
N LYS B 252 -20.84 6.04 -14.49
CA LYS B 252 -20.73 6.65 -15.81
C LYS B 252 -19.95 7.96 -15.71
N GLN B 253 -20.20 8.70 -14.63
CA GLN B 253 -19.51 9.97 -14.39
C GLN B 253 -18.02 9.66 -14.22
N LEU B 254 -17.75 8.64 -13.43
CA LEU B 254 -16.40 8.21 -13.13
C LEU B 254 -15.66 7.95 -14.45
N LEU B 255 -16.27 7.13 -15.31
CA LEU B 255 -15.67 6.80 -16.59
C LEU B 255 -15.43 8.04 -17.45
N SER B 256 -16.35 8.99 -17.41
CA SER B 256 -16.22 10.21 -18.22
C SER B 256 -14.98 11.03 -17.90
N TYR B 257 -14.36 10.77 -16.75
CA TYR B 257 -13.15 11.49 -16.36
C TYR B 257 -11.88 10.70 -16.68
N LEU B 258 -12.03 9.43 -17.02
CA LEU B 258 -10.87 8.59 -17.30
C LEU B 258 -10.74 8.14 -18.77
N PRO B 259 -9.51 7.86 -19.22
CA PRO B 259 -9.31 7.42 -20.60
C PRO B 259 -9.77 5.98 -20.68
N SER B 260 -9.74 5.41 -21.89
CA SER B 260 -10.14 4.03 -22.08
C SER B 260 -9.04 3.09 -21.59
N ASN B 261 -7.80 3.56 -21.62
CA ASN B 261 -6.64 2.79 -21.17
C ASN B 261 -5.48 3.75 -20.90
N ASN B 262 -4.41 3.25 -20.30
CA ASN B 262 -3.27 4.10 -19.97
C ASN B 262 -2.45 4.65 -21.13
N LEU B 263 -2.80 4.27 -22.36
CA LEU B 263 -2.07 4.76 -23.52
C LEU B 263 -2.63 6.07 -24.05
N SER B 264 -3.79 6.50 -23.54
CA SER B 264 -4.37 7.74 -24.03
C SER B 264 -4.61 8.75 -22.92
N GLU B 265 -4.69 10.03 -23.31
CA GLU B 265 -4.93 11.08 -22.35
C GLU B 265 -6.42 11.00 -21.99
N PRO B 266 -6.80 11.52 -20.82
CA PRO B 266 -8.21 11.46 -20.43
C PRO B 266 -9.09 12.14 -21.48
N PRO B 267 -10.35 11.68 -21.61
CA PRO B 267 -11.27 12.27 -22.59
C PRO B 267 -11.45 13.77 -22.37
N ALA B 268 -11.34 14.55 -23.43
CA ALA B 268 -11.48 16.00 -23.30
C ALA B 268 -12.37 16.66 -24.36
N PHE B 269 -12.94 17.78 -23.98
CA PHE B 269 -13.79 18.58 -24.85
C PHE B 269 -13.24 19.99 -24.69
N PRO B 270 -12.05 20.24 -25.24
CA PRO B 270 -11.35 21.52 -25.20
C PRO B 270 -12.17 22.75 -25.54
N GLU B 271 -12.05 23.77 -24.69
CA GLU B 271 -12.74 25.03 -24.87
C GLU B 271 -11.95 26.07 -24.10
N GLU B 272 -11.54 27.14 -24.78
CA GLU B 272 -10.76 28.19 -24.14
C GLU B 272 -11.60 28.92 -23.11
N ALA B 273 -11.03 29.11 -21.92
CA ALA B 273 -11.73 29.78 -20.85
C ALA B 273 -11.42 31.27 -20.87
N ASP B 274 -12.33 32.09 -20.35
CA ASP B 274 -12.14 33.53 -20.28
C ASP B 274 -11.32 33.76 -19.00
N LEU B 275 -10.10 34.24 -19.16
CA LEU B 275 -9.21 34.47 -18.02
C LEU B 275 -9.34 35.83 -17.34
N ALA B 276 -10.36 36.59 -17.69
CA ALA B 276 -10.56 37.88 -17.04
C ALA B 276 -11.09 37.61 -15.63
N VAL B 277 -10.66 38.40 -14.66
CA VAL B 277 -11.12 38.20 -13.28
C VAL B 277 -12.62 38.48 -13.15
N THR B 278 -13.38 37.42 -12.90
CA THR B 278 -14.82 37.52 -12.75
C THR B 278 -15.19 37.82 -11.30
N ASP B 279 -16.46 38.11 -11.07
CA ASP B 279 -16.94 38.40 -9.72
C ASP B 279 -16.73 37.18 -8.83
N GLU B 280 -16.88 36.00 -9.42
CA GLU B 280 -16.67 34.75 -8.70
C GLU B 280 -15.23 34.65 -8.23
N ASP B 281 -14.28 34.86 -9.16
CA ASP B 281 -12.87 34.80 -8.83
C ASP B 281 -12.55 35.72 -7.65
N ALA B 282 -13.15 36.92 -7.65
CA ALA B 282 -12.91 37.91 -6.60
C ALA B 282 -13.31 37.40 -5.23
N GLU B 283 -14.31 36.53 -5.19
CA GLU B 283 -14.78 35.97 -3.92
C GLU B 283 -13.67 35.26 -3.16
N LEU B 284 -12.68 34.76 -3.89
CA LEU B 284 -11.57 34.06 -3.26
C LEU B 284 -10.70 34.96 -2.39
N ASP B 285 -10.66 36.25 -2.73
CA ASP B 285 -9.83 37.18 -1.96
C ASP B 285 -10.32 37.37 -0.53
N THR B 286 -11.58 37.05 -0.28
CA THR B 286 -12.13 37.20 1.06
C THR B 286 -12.67 35.90 1.66
N ILE B 287 -12.36 34.77 1.03
CA ILE B 287 -12.83 33.49 1.54
C ILE B 287 -12.06 33.07 2.79
N VAL B 288 -10.81 33.51 2.89
CA VAL B 288 -10.00 33.14 4.06
C VAL B 288 -10.24 34.13 5.20
N PRO B 289 -10.72 33.64 6.35
CA PRO B 289 -10.98 34.51 7.49
C PRO B 289 -9.70 35.09 8.08
N ASP B 290 -9.84 36.22 8.78
CA ASP B 290 -8.72 36.89 9.41
C ASP B 290 -7.98 35.99 10.40
N SER B 291 -8.75 35.29 11.24
CA SER B 291 -8.16 34.38 12.23
C SER B 291 -7.76 33.04 11.60
N ALA B 292 -6.52 32.63 11.84
CA ALA B 292 -6.01 31.38 11.30
C ALA B 292 -6.66 30.19 11.99
N ASN B 293 -7.50 30.47 12.99
CA ASN B 293 -8.18 29.44 13.73
C ASN B 293 -9.57 29.16 13.16
N GLN B 294 -10.14 30.15 12.48
CA GLN B 294 -11.46 29.99 11.87
C GLN B 294 -11.40 29.21 10.57
N PRO B 295 -12.28 28.22 10.42
CA PRO B 295 -12.32 27.39 9.20
C PRO B 295 -13.07 28.05 8.04
N TYR B 296 -13.00 27.38 6.89
CA TYR B 296 -13.69 27.81 5.68
C TYR B 296 -13.83 26.55 4.84
N ASP B 297 -14.82 26.53 3.95
CA ASP B 297 -15.04 25.34 3.13
C ASP B 297 -14.14 25.29 1.89
N MET B 298 -13.19 24.37 1.91
CA MET B 298 -12.27 24.22 0.80
C MET B 298 -13.02 23.87 -0.48
N HIS B 299 -14.22 23.33 -0.32
CA HIS B 299 -15.06 22.97 -1.46
C HIS B 299 -15.25 24.16 -2.38
N SER B 300 -15.43 25.35 -1.81
CA SER B 300 -15.63 26.57 -2.57
C SER B 300 -14.39 26.90 -3.39
N VAL B 301 -13.23 26.78 -2.77
CA VAL B 301 -11.98 27.07 -3.46
C VAL B 301 -11.87 26.20 -4.70
N ILE B 302 -12.08 24.90 -4.52
CA ILE B 302 -12.00 23.93 -5.59
C ILE B 302 -12.99 24.27 -6.72
N GLU B 303 -14.24 24.49 -6.34
CA GLU B 303 -15.26 24.80 -7.34
C GLU B 303 -14.99 26.07 -8.14
N HIS B 304 -14.30 27.04 -7.52
CA HIS B 304 -13.99 28.29 -8.21
C HIS B 304 -12.95 28.16 -9.33
N VAL B 305 -12.19 27.08 -9.33
CA VAL B 305 -11.18 26.88 -10.38
C VAL B 305 -11.60 25.87 -11.45
N LEU B 306 -12.62 25.06 -11.16
CA LEU B 306 -13.10 24.04 -12.10
C LEU B 306 -14.20 24.54 -13.02
N ASP B 307 -14.26 23.98 -14.23
CA ASP B 307 -15.29 24.36 -15.19
C ASP B 307 -16.67 24.15 -14.59
N ASP B 308 -17.55 25.12 -14.77
CA ASP B 308 -18.92 25.07 -14.27
C ASP B 308 -18.98 24.82 -12.76
N ALA B 309 -17.88 25.13 -12.07
CA ALA B 309 -17.81 24.93 -10.63
C ALA B 309 -18.27 23.53 -10.26
N GLU B 310 -18.06 22.59 -11.18
CA GLU B 310 -18.46 21.20 -11.00
C GLU B 310 -17.34 20.37 -10.38
N PHE B 311 -17.60 19.80 -9.21
CA PHE B 311 -16.61 18.95 -8.53
C PHE B 311 -17.23 17.59 -8.24
N PHE B 312 -16.67 16.54 -8.86
CA PHE B 312 -17.14 15.17 -8.68
C PHE B 312 -16.29 14.54 -7.56
N GLU B 313 -16.80 14.58 -6.34
CA GLU B 313 -16.08 14.04 -5.18
C GLU B 313 -16.20 12.54 -4.98
N THR B 314 -15.07 11.92 -4.61
CA THR B 314 -15.01 10.49 -4.33
C THR B 314 -14.69 10.31 -2.85
N GLN B 315 -15.18 9.22 -2.27
CA GLN B 315 -15.00 8.93 -0.85
C GLN B 315 -15.33 10.10 0.07
N PRO B 316 -16.46 10.78 -0.17
CA PRO B 316 -16.85 11.92 0.66
C PRO B 316 -17.02 11.59 2.14
N LEU B 317 -17.43 10.36 2.43
CA LEU B 317 -17.69 9.94 3.81
C LEU B 317 -16.48 9.40 4.55
N PHE B 318 -15.37 9.19 3.83
CA PHE B 318 -14.16 8.67 4.46
C PHE B 318 -13.10 9.76 4.60
N ALA B 319 -12.51 9.88 5.78
CA ALA B 319 -11.46 10.87 6.01
C ALA B 319 -11.90 12.24 5.47
N PRO B 320 -12.96 12.82 6.06
CA PRO B 320 -13.50 14.12 5.68
C PRO B 320 -12.47 15.24 5.75
N ASN B 321 -11.38 15.01 6.46
CA ASN B 321 -10.34 16.02 6.62
C ASN B 321 -9.59 16.30 5.32
N ILE B 322 -9.81 15.45 4.32
CA ILE B 322 -9.17 15.63 3.03
C ILE B 322 -10.16 15.37 1.92
N LEU B 323 -10.06 16.14 0.85
CA LEU B 323 -10.99 15.97 -0.27
C LEU B 323 -10.31 15.41 -1.52
N THR B 324 -10.98 14.47 -2.18
CA THR B 324 -10.48 13.86 -3.42
C THR B 324 -11.64 13.80 -4.40
N GLY B 325 -11.34 13.98 -5.68
CA GLY B 325 -12.39 13.93 -6.69
C GLY B 325 -11.91 14.36 -8.06
N PHE B 326 -12.86 14.51 -8.99
CA PHE B 326 -12.57 14.90 -10.37
C PHE B 326 -13.28 16.18 -10.78
N GLY B 327 -12.75 16.81 -11.82
CA GLY B 327 -13.31 18.03 -12.35
C GLY B 327 -12.68 18.27 -13.71
N ARG B 328 -13.01 19.40 -14.33
CA ARG B 328 -12.41 19.73 -15.61
C ARG B 328 -11.93 21.18 -15.67
N VAL B 329 -10.83 21.38 -16.37
CA VAL B 329 -10.24 22.69 -16.57
C VAL B 329 -10.14 22.84 -18.07
N GLU B 330 -10.85 23.81 -18.63
CA GLU B 330 -10.86 24.03 -20.08
C GLU B 330 -11.27 22.75 -20.80
N GLY B 331 -12.18 22.00 -20.18
CA GLY B 331 -12.66 20.77 -20.78
C GLY B 331 -11.81 19.53 -20.54
N ARG B 332 -10.66 19.71 -19.91
CA ARG B 332 -9.76 18.59 -19.65
C ARG B 332 -9.87 18.11 -18.21
N PRO B 333 -10.07 16.80 -18.03
CA PRO B 333 -10.19 16.16 -16.70
C PRO B 333 -8.96 16.39 -15.84
N VAL B 334 -9.19 16.67 -14.56
CA VAL B 334 -8.11 16.87 -13.60
C VAL B 334 -8.52 16.21 -12.29
N GLY B 335 -7.54 15.84 -11.48
CA GLY B 335 -7.83 15.22 -10.21
C GLY B 335 -7.60 16.26 -9.12
N ILE B 336 -8.33 16.15 -8.02
CA ILE B 336 -8.19 17.09 -6.93
C ILE B 336 -7.90 16.45 -5.57
N VAL B 337 -6.96 17.03 -4.85
CA VAL B 337 -6.60 16.58 -3.51
C VAL B 337 -6.52 17.86 -2.69
N ALA B 338 -7.22 17.92 -1.57
CA ALA B 338 -7.20 19.14 -0.77
C ALA B 338 -7.54 18.92 0.70
N ASN B 339 -6.82 19.62 1.57
CA ASN B 339 -7.10 19.52 3.00
C ASN B 339 -8.40 20.28 3.23
N GLN B 340 -9.21 19.81 4.19
CA GLN B 340 -10.49 20.44 4.53
C GLN B 340 -10.43 21.02 5.94
N PRO B 341 -10.19 22.34 6.05
CA PRO B 341 -10.09 23.04 7.34
C PRO B 341 -11.28 22.79 8.26
N MET B 342 -12.46 22.59 7.66
CA MET B 342 -13.68 22.34 8.42
C MET B 342 -13.68 20.99 9.15
N GLN B 343 -12.78 20.10 8.74
CA GLN B 343 -12.70 18.79 9.38
C GLN B 343 -11.35 18.56 10.04
N PHE B 344 -11.37 18.41 11.36
CA PHE B 344 -10.14 18.20 12.12
C PHE B 344 -9.07 19.23 11.79
N ALA B 345 -9.50 20.45 11.51
CA ALA B 345 -8.58 21.55 11.20
C ALA B 345 -7.74 21.29 9.96
N GLY B 346 -8.15 20.34 9.14
CA GLY B 346 -7.40 20.05 7.94
C GLY B 346 -6.17 19.19 8.18
N CYS B 347 -6.01 18.73 9.42
CA CYS B 347 -4.88 17.89 9.77
C CYS B 347 -4.85 16.60 8.96
N LEU B 348 -3.65 16.08 8.77
CA LEU B 348 -3.48 14.83 8.06
C LEU B 348 -3.45 13.72 9.09
N ASP B 349 -3.89 12.54 8.69
CA ASP B 349 -3.89 11.38 9.57
C ASP B 349 -3.73 10.13 8.71
N ILE B 350 -3.79 8.96 9.34
CA ILE B 350 -3.66 7.71 8.62
C ILE B 350 -4.68 7.58 7.49
N THR B 351 -5.97 7.71 7.81
CA THR B 351 -7.03 7.56 6.84
C THR B 351 -6.95 8.54 5.67
N ALA B 352 -6.68 9.81 5.95
CA ALA B 352 -6.58 10.82 4.90
C ALA B 352 -5.36 10.55 4.02
N SER B 353 -4.28 10.07 4.62
CA SER B 353 -3.07 9.79 3.86
C SER B 353 -3.28 8.67 2.86
N GLU B 354 -3.91 7.58 3.32
CA GLU B 354 -4.15 6.45 2.44
C GLU B 354 -5.22 6.77 1.40
N LYS B 355 -6.22 7.54 1.82
CA LYS B 355 -7.28 7.93 0.90
C LYS B 355 -6.69 8.70 -0.29
N ALA B 356 -5.96 9.77 0.01
CA ALA B 356 -5.35 10.61 -1.03
C ALA B 356 -4.25 9.90 -1.80
N ALA B 357 -3.45 9.10 -1.11
CA ALA B 357 -2.35 8.38 -1.75
C ALA B 357 -2.84 7.53 -2.92
N ARG B 358 -3.88 6.72 -2.69
CA ARG B 358 -4.35 5.86 -3.76
C ARG B 358 -5.05 6.65 -4.88
N PHE B 359 -5.69 7.75 -4.54
CA PHE B 359 -6.34 8.56 -5.56
C PHE B 359 -5.27 9.17 -6.47
N VAL B 360 -4.20 9.69 -5.87
CA VAL B 360 -3.11 10.30 -6.64
C VAL B 360 -2.51 9.25 -7.59
N ARG B 361 -2.22 8.06 -7.09
CA ARG B 361 -1.65 7.02 -7.95
C ARG B 361 -2.62 6.64 -9.07
N THR B 362 -3.91 6.62 -8.76
CA THR B 362 -4.91 6.30 -9.76
C THR B 362 -4.86 7.31 -10.90
N CYS B 363 -4.89 8.60 -10.56
CA CYS B 363 -4.81 9.68 -11.54
C CYS B 363 -3.52 9.57 -12.35
N ASP B 364 -2.42 9.31 -11.67
CA ASP B 364 -1.14 9.22 -12.35
C ASP B 364 -1.09 8.07 -13.36
N ALA B 365 -1.59 6.91 -12.95
CA ALA B 365 -1.60 5.75 -13.82
C ALA B 365 -2.43 6.01 -15.08
N PHE B 366 -3.46 6.84 -14.94
CA PHE B 366 -4.29 7.12 -16.09
C PHE B 366 -4.13 8.51 -16.66
N ASN B 367 -2.92 9.05 -16.53
CA ASN B 367 -2.57 10.34 -17.07
C ASN B 367 -3.48 11.51 -16.73
N VAL B 368 -3.99 11.52 -15.50
CA VAL B 368 -4.85 12.61 -15.08
C VAL B 368 -4.06 13.62 -14.22
N PRO B 369 -4.01 14.89 -14.66
CA PRO B 369 -3.29 15.92 -13.90
C PRO B 369 -3.89 16.02 -12.50
N VAL B 370 -3.05 16.37 -11.53
CA VAL B 370 -3.51 16.51 -10.15
C VAL B 370 -3.29 17.91 -9.59
N LEU B 371 -4.39 18.52 -9.12
CA LEU B 371 -4.35 19.84 -8.51
C LEU B 371 -4.48 19.66 -7.00
N THR B 372 -3.57 20.25 -6.22
CA THR B 372 -3.65 20.12 -4.78
C THR B 372 -3.78 21.47 -4.06
N PHE B 373 -4.70 21.55 -3.11
CA PHE B 373 -4.93 22.77 -2.34
C PHE B 373 -4.51 22.48 -0.90
N VAL B 374 -3.52 23.23 -0.42
CA VAL B 374 -2.98 23.00 0.90
C VAL B 374 -3.38 23.95 2.00
N ASP B 375 -3.72 23.37 3.14
CA ASP B 375 -4.09 24.10 4.35
C ASP B 375 -4.04 23.03 5.42
N VAL B 376 -2.84 22.70 5.86
CA VAL B 376 -2.65 21.67 6.87
C VAL B 376 -1.71 22.12 7.98
N PRO B 377 -2.18 22.05 9.24
CA PRO B 377 -1.36 22.47 10.39
C PRO B 377 -0.37 21.37 10.79
N GLY B 378 -0.62 20.16 10.31
CA GLY B 378 0.26 19.04 10.62
C GLY B 378 -0.50 17.74 10.68
N PHE B 379 0.00 16.80 11.48
CA PHE B 379 -0.69 15.52 11.60
C PHE B 379 -1.47 15.41 12.91
N LEU B 380 -2.59 14.70 12.86
CA LEU B 380 -3.44 14.52 14.03
C LEU B 380 -2.73 13.76 15.13
N PRO B 381 -2.42 14.45 16.25
CA PRO B 381 -1.74 13.84 17.39
C PRO B 381 -2.56 12.69 17.96
N GLY B 382 -1.88 11.69 18.53
CA GLY B 382 -2.57 10.56 19.12
C GLY B 382 -1.70 9.31 19.20
N VAL B 383 -1.79 8.58 20.32
CA VAL B 383 -1.00 7.36 20.48
C VAL B 383 -1.45 6.32 19.46
N ASP B 384 -2.76 6.30 19.19
CA ASP B 384 -3.34 5.36 18.23
C ASP B 384 -2.75 5.57 16.85
N GLN B 385 -2.56 6.82 16.45
CA GLN B 385 -1.99 7.12 15.14
C GLN B 385 -0.61 6.48 15.02
N GLU B 386 0.20 6.61 16.07
CA GLU B 386 1.54 6.05 16.08
C GLU B 386 1.50 4.53 16.06
N HIS B 387 0.77 3.96 16.99
CA HIS B 387 0.67 2.51 17.11
C HIS B 387 0.03 1.84 15.90
N ASP B 388 -0.84 2.55 15.20
CA ASP B 388 -1.48 1.99 14.01
C ASP B 388 -0.61 2.13 12.76
N GLY B 389 0.60 2.67 12.94
CA GLY B 389 1.53 2.81 11.83
C GLY B 389 1.44 4.03 10.93
N ILE B 390 1.23 5.21 11.51
CA ILE B 390 1.16 6.43 10.72
C ILE B 390 2.45 6.65 9.93
N ILE B 391 3.56 6.20 10.50
CA ILE B 391 4.85 6.35 9.85
C ILE B 391 4.90 5.70 8.46
N ARG B 392 4.46 4.44 8.35
CA ARG B 392 4.47 3.74 7.08
C ARG B 392 3.24 4.01 6.23
N ARG B 393 2.13 4.36 6.88
CA ARG B 393 0.90 4.62 6.15
C ARG B 393 0.84 6.06 5.66
N GLY B 394 1.39 6.99 6.44
CA GLY B 394 1.41 8.38 6.02
C GLY B 394 2.42 8.58 4.90
N ALA B 395 3.46 7.75 4.89
CA ALA B 395 4.50 7.86 3.87
C ALA B 395 3.96 7.49 2.49
N LYS B 396 2.81 6.84 2.45
CA LYS B 396 2.22 6.44 1.19
C LYS B 396 1.87 7.66 0.32
N LEU B 397 1.51 8.76 0.96
CA LEU B 397 1.15 9.99 0.24
C LEU B 397 2.36 10.65 -0.41
N ILE B 398 3.48 10.69 0.29
CA ILE B 398 4.66 11.30 -0.30
C ILE B 398 5.13 10.43 -1.46
N PHE B 399 5.00 9.11 -1.32
CA PHE B 399 5.43 8.18 -2.36
C PHE B 399 4.62 8.46 -3.62
N ALA B 400 3.30 8.57 -3.46
CA ALA B 400 2.39 8.83 -4.58
C ALA B 400 2.77 10.08 -5.36
N TYR B 401 3.03 11.17 -4.64
CA TYR B 401 3.41 12.44 -5.24
C TYR B 401 4.76 12.42 -5.92
N ALA B 402 5.75 11.82 -5.26
CA ALA B 402 7.11 11.73 -5.79
C ALA B 402 7.16 10.84 -7.03
N GLU B 403 6.28 9.86 -7.06
CA GLU B 403 6.19 8.91 -8.17
C GLU B 403 5.47 9.51 -9.38
N ALA B 404 4.45 10.30 -9.12
CA ALA B 404 3.64 10.89 -10.19
C ALA B 404 4.41 11.65 -11.26
N THR B 405 4.12 11.33 -12.52
CA THR B 405 4.76 12.01 -13.64
C THR B 405 3.75 12.89 -14.39
N VAL B 406 2.49 12.85 -13.99
CA VAL B 406 1.48 13.70 -14.63
C VAL B 406 1.69 15.15 -14.15
N PRO B 407 1.06 16.12 -14.82
CA PRO B 407 1.24 17.50 -14.37
C PRO B 407 0.79 17.64 -12.92
N LEU B 408 1.53 18.42 -12.14
CA LEU B 408 1.22 18.63 -10.73
C LEU B 408 1.25 20.12 -10.40
N ILE B 409 0.10 20.65 -10.00
CA ILE B 409 0.01 22.07 -9.63
C ILE B 409 -0.51 22.13 -8.18
N THR B 410 0.23 22.82 -7.33
CA THR B 410 -0.14 22.93 -5.93
C THR B 410 -0.40 24.35 -5.50
N VAL B 411 -1.49 24.54 -4.76
CA VAL B 411 -1.86 25.85 -4.26
C VAL B 411 -1.97 25.83 -2.73
N ILE B 412 -1.13 26.61 -2.06
CA ILE B 412 -1.17 26.68 -0.61
C ILE B 412 -2.00 27.88 -0.24
N THR B 413 -3.22 27.63 0.22
CA THR B 413 -4.14 28.70 0.61
C THR B 413 -3.83 29.25 2.00
N ARG B 414 -3.36 28.39 2.91
CA ARG B 414 -3.05 28.86 4.23
C ARG B 414 -1.93 28.08 4.93
N LYS B 415 -2.29 27.28 5.93
CA LYS B 415 -1.28 26.53 6.68
C LYS B 415 -0.53 25.46 5.92
N ALA B 416 0.76 25.33 6.22
CA ALA B 416 1.65 24.35 5.62
C ALA B 416 2.86 24.23 6.54
N PHE B 417 2.75 23.43 7.59
CA PHE B 417 3.80 23.27 8.58
C PHE B 417 4.46 21.88 8.60
N GLY B 418 5.74 21.87 8.98
CA GLY B 418 6.51 20.64 9.07
C GLY B 418 6.41 19.67 7.90
N GLY B 419 6.55 18.38 8.20
CA GLY B 419 6.48 17.35 7.17
C GLY B 419 5.19 17.38 6.37
N ALA B 420 4.12 17.91 6.96
CA ALA B 420 2.85 17.99 6.26
C ALA B 420 3.03 18.81 4.98
N TYR B 421 3.78 19.91 5.09
CA TYR B 421 4.09 20.76 3.94
C TYR B 421 4.75 19.92 2.84
N ASP B 422 5.74 19.12 3.21
CA ASP B 422 6.43 18.27 2.24
C ASP B 422 5.47 17.30 1.58
N VAL B 423 4.64 16.67 2.39
CA VAL B 423 3.68 15.68 1.91
C VAL B 423 2.68 16.20 0.89
N MET B 424 2.10 17.37 1.16
CA MET B 424 1.07 17.92 0.28
C MET B 424 1.54 18.44 -1.08
N GLY B 425 2.02 17.53 -1.92
CA GLY B 425 2.48 17.89 -3.25
C GLY B 425 3.45 19.06 -3.31
N SER B 426 4.47 19.03 -2.46
CA SER B 426 5.45 20.11 -2.45
C SER B 426 6.33 20.04 -3.68
N LYS B 427 7.01 21.13 -3.98
CA LYS B 427 7.89 21.18 -5.13
C LYS B 427 9.05 20.18 -4.96
N HIS B 428 9.43 19.94 -3.71
CA HIS B 428 10.55 19.03 -3.43
C HIS B 428 10.24 17.60 -3.87
N LEU B 429 8.96 17.27 -3.93
CA LEU B 429 8.53 15.94 -4.35
C LEU B 429 8.41 15.83 -5.88
N GLY B 430 8.42 16.96 -6.56
CA GLY B 430 8.31 16.94 -8.01
C GLY B 430 7.20 17.81 -8.56
N ALA B 431 6.47 18.51 -7.69
CA ALA B 431 5.39 19.38 -8.14
C ALA B 431 5.95 20.34 -9.18
N ASP B 432 5.25 20.51 -10.29
CA ASP B 432 5.70 21.38 -11.37
C ASP B 432 5.45 22.87 -11.12
N LEU B 433 4.30 23.17 -10.54
CA LEU B 433 3.94 24.56 -10.25
C LEU B 433 3.35 24.66 -8.85
N ASN B 434 3.99 25.46 -8.01
CA ASN B 434 3.53 25.65 -6.63
C ASN B 434 3.21 27.11 -6.37
N LEU B 435 1.94 27.38 -6.13
CA LEU B 435 1.51 28.75 -5.88
C LEU B 435 1.14 28.89 -4.41
N ALA B 436 1.22 30.11 -3.89
CA ALA B 436 0.85 30.35 -2.50
C ALA B 436 0.09 31.67 -2.39
N TRP B 437 -0.94 31.68 -1.54
CA TRP B 437 -1.71 32.89 -1.31
C TRP B 437 -1.00 33.71 -0.23
N PRO B 438 -1.33 35.02 -0.13
CA PRO B 438 -0.70 35.89 0.87
C PRO B 438 -1.01 35.39 2.28
N THR B 439 -2.08 34.62 2.39
CA THR B 439 -2.52 34.09 3.68
C THR B 439 -1.80 32.78 4.02
N ALA B 440 -0.93 32.33 3.14
CA ALA B 440 -0.20 31.09 3.38
C ALA B 440 0.80 31.21 4.51
N GLN B 441 0.94 30.14 5.30
CA GLN B 441 1.90 30.13 6.39
C GLN B 441 2.77 28.91 6.21
N ILE B 442 3.92 29.09 5.57
CA ILE B 442 4.84 27.99 5.31
C ILE B 442 6.00 28.11 6.27
N ALA B 443 6.03 27.22 7.26
CA ALA B 443 7.08 27.24 8.27
C ALA B 443 7.39 25.83 8.78
N VAL B 444 8.57 25.67 9.37
CA VAL B 444 8.99 24.36 9.88
C VAL B 444 8.05 23.87 10.96
N MET B 445 7.48 24.80 11.72
CA MET B 445 6.54 24.43 12.77
C MET B 445 5.83 25.66 13.31
N GLY B 446 4.85 25.43 14.18
CA GLY B 446 4.12 26.55 14.77
C GLY B 446 5.01 27.50 15.54
N ALA B 447 4.64 28.77 15.54
CA ALA B 447 5.41 29.81 16.23
C ALA B 447 5.70 29.46 17.68
N GLN B 448 4.69 28.99 18.40
CA GLN B 448 4.86 28.63 19.81
C GLN B 448 5.90 27.55 20.00
N GLY B 449 5.79 26.49 19.22
CA GLY B 449 6.74 25.40 19.32
C GLY B 449 8.15 25.80 18.91
N ALA B 450 8.24 26.69 17.94
CA ALA B 450 9.53 27.15 17.45
C ALA B 450 10.25 28.04 18.46
N VAL B 451 9.53 29.00 19.05
CA VAL B 451 10.12 29.92 20.02
C VAL B 451 10.56 29.23 21.30
N ASN B 452 9.79 28.24 21.76
CA ASN B 452 10.14 27.51 22.97
C ASN B 452 11.49 26.82 22.83
N ILE B 453 11.96 26.73 21.58
CA ILE B 453 13.24 26.09 21.30
C ILE B 453 14.31 27.12 21.02
N LEU B 454 14.06 27.98 20.04
CA LEU B 454 15.00 29.03 19.64
C LEU B 454 15.31 30.00 20.77
N HIS B 455 14.32 30.29 21.61
CA HIS B 455 14.51 31.23 22.70
C HIS B 455 14.35 30.56 24.06
N ARG B 456 14.66 29.26 24.12
CA ARG B 456 14.53 28.52 25.37
C ARG B 456 15.36 29.15 26.48
N ARG B 457 16.56 29.61 26.16
CA ARG B 457 17.43 30.24 27.14
C ARG B 457 17.04 31.69 27.41
N THR B 458 16.76 32.44 26.34
CA THR B 458 16.39 33.84 26.47
C THR B 458 15.11 33.99 27.29
N ILE B 459 14.28 32.96 27.28
CA ILE B 459 13.02 32.98 28.01
C ILE B 459 13.22 32.47 29.44
N ALA B 460 14.19 31.60 29.61
CA ALA B 460 14.49 31.03 30.92
C ALA B 460 14.85 32.14 31.89
N ASP B 461 15.51 33.18 31.38
CA ASP B 461 15.92 34.30 32.21
C ASP B 461 14.69 34.99 32.76
N ALA B 462 14.80 35.48 34.00
CA ALA B 462 13.70 36.15 34.67
C ALA B 462 12.48 35.24 34.78
N GLY B 463 12.36 34.56 35.92
CA GLY B 463 11.22 33.68 36.13
C GLY B 463 9.99 34.57 36.04
N ASP B 464 10.13 35.77 36.57
CA ASP B 464 9.07 36.76 36.54
C ASP B 464 9.05 37.20 35.08
N ASP B 465 7.89 37.60 34.57
CA ASP B 465 7.79 38.02 33.18
C ASP B 465 8.13 36.83 32.30
N ALA B 466 7.87 35.63 32.81
CA ALA B 466 8.12 34.40 32.07
C ALA B 466 7.42 34.54 30.71
N GLU B 467 6.10 34.54 30.73
CA GLU B 467 5.33 34.71 29.52
C GLU B 467 5.42 36.18 29.13
N ALA B 468 4.64 36.59 28.15
CA ALA B 468 4.67 37.98 27.69
C ALA B 468 5.98 38.21 26.96
N THR B 469 7.02 37.51 27.41
CA THR B 469 8.34 37.61 26.81
C THR B 469 8.35 36.64 25.65
N ARG B 470 7.87 35.42 25.88
CA ARG B 470 7.82 34.42 24.84
C ARG B 470 6.56 34.68 24.04
N ALA B 471 5.55 35.27 24.69
CA ALA B 471 4.30 35.59 24.02
C ALA B 471 4.63 36.60 22.94
N ARG B 472 5.45 37.58 23.30
CA ARG B 472 5.88 38.61 22.36
C ARG B 472 6.75 37.94 21.30
N LEU B 473 7.61 37.03 21.72
CA LEU B 473 8.49 36.30 20.81
C LEU B 473 7.66 35.48 19.82
N ILE B 474 6.60 34.86 20.32
CA ILE B 474 5.72 34.06 19.46
C ILE B 474 5.10 35.00 18.44
N GLN B 475 4.65 36.16 18.92
CA GLN B 475 4.02 37.15 18.05
C GLN B 475 5.02 37.63 17.00
N GLU B 476 6.25 37.88 17.41
CA GLU B 476 7.27 38.34 16.47
C GLU B 476 7.63 37.27 15.44
N TYR B 477 7.67 36.02 15.90
CA TYR B 477 8.02 34.91 15.02
C TYR B 477 6.96 34.72 13.94
N GLU B 478 5.69 34.77 14.31
CA GLU B 478 4.63 34.58 13.35
C GLU B 478 4.53 35.74 12.37
N ASP B 479 4.78 36.96 12.83
CA ASP B 479 4.72 38.11 11.94
C ASP B 479 5.92 38.14 11.00
N ALA B 480 6.96 37.41 11.37
CA ALA B 480 8.17 37.37 10.56
C ALA B 480 8.33 36.13 9.68
N LEU B 481 7.95 34.97 10.20
CA LEU B 481 8.11 33.72 9.45
C LEU B 481 6.82 33.01 9.03
N LEU B 482 5.71 33.27 9.70
CA LEU B 482 4.46 32.61 9.31
C LEU B 482 3.83 33.25 8.08
N ASN B 483 4.52 33.09 6.95
CA ASN B 483 4.07 33.61 5.67
C ASN B 483 4.76 32.77 4.60
N PRO B 484 4.43 33.01 3.31
CA PRO B 484 5.04 32.23 2.24
C PRO B 484 6.27 32.88 1.58
N TYR B 485 6.72 34.00 2.12
CA TYR B 485 7.83 34.71 1.50
C TYR B 485 9.23 34.11 1.64
N THR B 486 9.54 33.45 2.74
CA THR B 486 10.86 32.82 2.86
C THR B 486 10.89 31.69 1.81
N ALA B 487 9.82 30.91 1.73
CA ALA B 487 9.73 29.84 0.76
C ALA B 487 9.80 30.42 -0.66
N ALA B 488 9.20 31.59 -0.87
CA ALA B 488 9.21 32.25 -2.16
C ALA B 488 10.61 32.72 -2.53
N GLU B 489 11.36 33.20 -1.54
CA GLU B 489 12.73 33.66 -1.79
C GLU B 489 13.61 32.50 -2.26
N ARG B 490 13.33 31.31 -1.73
CA ARG B 490 14.08 30.10 -2.05
C ARG B 490 13.56 29.45 -3.32
N GLY B 491 12.40 29.91 -3.78
CA GLY B 491 11.83 29.33 -4.98
C GLY B 491 11.02 28.08 -4.72
N TYR B 492 10.80 27.75 -3.45
CA TYR B 492 10.01 26.57 -3.09
C TYR B 492 8.60 26.72 -3.67
N VAL B 493 8.15 27.96 -3.76
CA VAL B 493 6.87 28.25 -4.37
C VAL B 493 7.28 29.11 -5.56
N ASP B 494 6.67 28.86 -6.72
CA ASP B 494 7.00 29.63 -7.90
C ASP B 494 6.45 31.04 -7.89
N ALA B 495 5.44 31.28 -7.05
CA ALA B 495 4.86 32.61 -6.97
C ALA B 495 3.86 32.75 -5.83
N VAL B 496 3.74 33.98 -5.32
CA VAL B 496 2.77 34.28 -4.27
C VAL B 496 1.72 35.05 -5.08
N ILE B 497 0.52 34.51 -5.13
CA ILE B 497 -0.54 35.11 -5.92
C ILE B 497 -1.75 35.59 -5.16
N MET B 498 -2.52 36.46 -5.81
CA MET B 498 -3.75 36.95 -5.23
C MET B 498 -4.68 35.76 -5.34
N PRO B 499 -5.49 35.51 -4.31
CA PRO B 499 -6.41 34.37 -4.36
C PRO B 499 -7.25 34.34 -5.64
N SER B 500 -7.74 35.51 -6.04
CA SER B 500 -8.57 35.63 -7.23
C SER B 500 -7.87 35.26 -8.54
N ASP B 501 -6.54 35.19 -8.52
CA ASP B 501 -5.80 34.83 -9.72
C ASP B 501 -5.46 33.34 -9.78
N THR B 502 -6.02 32.55 -8.87
CA THR B 502 -5.73 31.11 -8.85
C THR B 502 -6.19 30.41 -10.13
N ARG B 503 -7.42 30.68 -10.55
CA ARG B 503 -7.96 30.07 -11.76
C ARG B 503 -7.09 30.36 -12.97
N ARG B 504 -6.67 31.62 -13.10
CA ARG B 504 -5.82 32.04 -14.22
C ARG B 504 -4.52 31.27 -14.22
N HIS B 505 -3.92 31.13 -13.04
CA HIS B 505 -2.67 30.41 -12.91
C HIS B 505 -2.82 28.92 -13.23
N ILE B 506 -3.91 28.32 -12.76
CA ILE B 506 -4.11 26.90 -13.03
C ILE B 506 -4.33 26.65 -14.52
N VAL B 507 -5.16 27.48 -15.15
CA VAL B 507 -5.43 27.32 -16.57
C VAL B 507 -4.17 27.47 -17.44
N ARG B 508 -3.41 28.54 -17.21
CA ARG B 508 -2.20 28.78 -17.99
C ARG B 508 -1.14 27.72 -17.65
N GLY B 509 -1.10 27.33 -16.37
CA GLY B 509 -0.14 26.32 -15.96
C GLY B 509 -0.39 24.99 -16.67
N LEU B 510 -1.62 24.50 -16.62
CA LEU B 510 -1.94 23.24 -17.26
C LEU B 510 -1.69 23.27 -18.78
N ARG B 511 -1.90 24.43 -19.40
CA ARG B 511 -1.67 24.54 -20.84
C ARG B 511 -0.23 24.18 -21.20
N GLN B 512 0.73 24.68 -20.42
CA GLN B 512 2.16 24.42 -20.66
C GLN B 512 2.58 23.04 -20.16
N LEU B 513 2.06 22.65 -19.00
CA LEU B 513 2.39 21.37 -18.39
C LEU B 513 1.80 20.14 -19.07
N ARG B 514 0.78 20.33 -19.90
CA ARG B 514 0.14 19.21 -20.56
C ARG B 514 1.12 18.38 -21.39
N THR B 515 2.22 18.99 -21.82
CA THR B 515 3.21 18.27 -22.62
C THR B 515 4.38 17.76 -21.76
N LYS B 516 4.16 17.70 -20.45
CA LYS B 516 5.18 17.25 -19.52
C LYS B 516 5.62 15.81 -19.79
N ARG B 517 6.92 15.60 -19.85
CA ARG B 517 7.46 14.27 -20.09
C ARG B 517 8.50 13.98 -19.02
N GLU B 518 8.22 13.00 -18.17
CA GLU B 518 9.14 12.61 -17.09
C GLU B 518 9.00 11.12 -16.82
N SER B 519 10.05 10.51 -16.29
CA SER B 519 10.04 9.09 -15.99
C SER B 519 11.01 8.75 -14.86
N LEU B 520 10.65 7.75 -14.08
CA LEU B 520 11.50 7.33 -12.96
C LEU B 520 12.52 6.31 -13.43
N PRO B 521 13.49 5.97 -12.57
CA PRO B 521 14.51 5.00 -12.97
C PRO B 521 13.85 3.67 -13.33
N PRO B 522 14.43 2.93 -14.28
CA PRO B 522 13.85 1.63 -14.67
C PRO B 522 13.74 0.68 -13.48
N LYS B 523 12.64 -0.04 -13.41
CA LYS B 523 12.41 -0.99 -12.32
C LYS B 523 11.16 -1.85 -12.62
N LYS B 524 11.04 -3.00 -11.98
CA LYS B 524 9.87 -3.84 -12.20
C LYS B 524 8.69 -3.09 -11.62
N HIS B 525 8.93 -2.45 -10.48
CA HIS B 525 7.92 -1.68 -9.77
C HIS B 525 8.58 -1.11 -8.53
N GLY B 526 7.86 -0.21 -7.85
CA GLY B 526 8.39 0.37 -6.63
C GLY B 526 8.10 -0.52 -5.45
N ASN B 527 8.47 -0.07 -4.26
CA ASN B 527 8.25 -0.85 -3.04
C ASN B 527 7.57 0.06 -2.03
N ILE B 528 6.47 0.66 -2.46
CA ILE B 528 5.72 1.58 -1.60
C ILE B 528 5.39 0.94 -0.26
N PRO B 529 5.43 1.73 0.82
CA PRO B 529 5.12 1.20 2.16
C PRO B 529 3.72 0.59 2.16
N LEU B 530 3.55 -0.49 2.90
CA LEU B 530 2.26 -1.18 2.98
C LEU B 530 1.76 -1.28 4.42
O14 1VU C . 24.96 26.92 19.01
P2 1VU C . 23.43 27.32 19.30
O15 1VU C . 22.80 27.77 17.89
O16 1VU C . 23.31 28.35 20.35
O13 1VU C . 22.68 25.94 19.70
C23 1VU C . 21.29 25.94 20.06
C22 1VU C . 20.46 25.45 18.89
O12 1VU C . 21.03 25.91 17.65
C16 1VU C . 20.74 23.95 19.03
N2 1VU C . 19.89 23.11 18.16
C21 1VU C . 18.69 23.43 17.65
N6 1VU C . 17.93 24.52 17.73
C20 1VU C . 16.77 24.58 17.09
N5 1VU C . 16.34 23.57 16.35
C19 1VU C . 17.06 22.45 16.23
N4 1VU C . 16.62 21.45 15.47
C18 1VU C . 18.28 22.35 16.89
N3 1VU C . 19.23 21.42 16.96
C17 1VU C . 20.20 21.89 17.74
O11 1VU C . 20.45 23.75 20.42
C15 1VU C . 21.03 24.86 21.12
C14 1VU C . 20.04 25.36 22.16
O10 1VU C . 18.71 25.48 21.64
P1 1VU C . 17.78 24.15 21.53
O8 1VU C . 18.14 23.18 20.47
O9 1VU C . 16.25 24.28 22.01
O7 1VU C . 17.13 23.58 22.89
P 1VU C . 16.92 21.98 22.97
O5 1VU C . 16.18 21.66 24.22
O6 1VU C . 18.22 21.29 22.75
O4 1VU C . 15.92 21.67 21.75
C13 1VU C . 16.17 20.56 20.87
C10 1VU C . 14.96 20.28 19.99
C11 1VU C . 13.72 20.13 20.87
C12 1VU C . 14.73 21.46 19.04
C9 1VU C . 15.16 18.99 19.19
O3 1VU C . 15.45 17.91 20.08
C8 1VU C . 16.28 19.12 18.15
O2 1VU C . 17.46 19.13 18.50
N1 1VU C . 15.92 19.22 16.87
C7 1VU C . 14.70 19.23 16.36
C6 1VU C . 13.53 19.14 17.12
C5 1VU C . 12.26 19.13 16.54
O1 1VU C . 11.32 19.52 17.22
N 1VU C . 12.14 18.71 15.29
C4 1VU C . 10.83 18.67 14.61
C3 1VU C . 10.88 19.62 13.41
S 1VU C . 9.28 19.77 12.54
C2 1VU C . 9.32 18.34 11.52
O 1VU C . 8.54 17.42 11.74
C1 1VU C . 10.30 18.27 10.35
C 1VU C . 9.55 17.95 9.05
C11 BTN D . -11.30 -19.60 10.03
O11 BTN D . -11.06 -20.79 10.23
O12 BTN D . -10.38 -18.82 9.78
C10 BTN D . -12.73 -19.09 10.09
C9 BTN D . -13.42 -18.95 8.71
C8 BTN D . -13.59 -17.48 8.32
C7 BTN D . -12.60 -17.01 7.26
C2 BTN D . -13.24 -16.59 5.92
S1 BTN D . -14.36 -17.90 5.08
C6 BTN D . -14.25 -16.84 3.49
C5 BTN D . -12.80 -16.30 3.51
N1 BTN D . -11.94 -17.36 2.76
C3 BTN D . -11.03 -17.86 3.50
O3 BTN D . -10.15 -18.76 3.25
N2 BTN D . -11.01 -17.33 4.84
C4 BTN D . -12.15 -16.29 4.88
O14 1VU E . -30.77 -26.85 -8.01
P2 1VU E . -30.13 -27.32 -6.60
O15 1VU E . -28.69 -27.96 -6.94
O16 1VU E . -31.01 -28.26 -5.87
O13 1VU E . -29.83 -25.98 -5.77
C23 1VU E . -29.05 -26.04 -4.58
C22 1VU E . -27.65 -25.50 -4.84
O12 1VU E . -27.29 -25.74 -6.21
C16 1VU E . -27.94 -24.01 -4.65
N2 1VU E . -26.67 -23.24 -4.61
C21 1VU E . -25.81 -23.20 -3.60
N6 1VU E . -25.77 -23.79 -2.39
C20 1VU E . -24.74 -23.60 -1.58
N5 1VU E . -23.73 -22.82 -1.93
C19 1VU E . -23.69 -22.20 -3.11
N4 1VU E . -22.65 -21.44 -3.46
C18 1VU E . -24.76 -22.38 -4.00
N3 1VU E . -25.03 -21.95 -5.22
C17 1VU E . -26.19 -22.48 -5.58
O11 1VU E . -28.61 -24.04 -3.38
C15 1VU E . -29.62 -25.05 -3.55
C14 1VU E . -29.91 -25.76 -2.23
O10 1VU E . -28.99 -25.38 -1.20
P1 1VU E . -29.20 -23.97 -0.43
O8 1VU E . -30.40 -23.86 0.44
O9 1VU E . -28.61 -22.64 -1.13
O7 1VU E . -27.90 -23.13 0.01
P 1VU E . -28.06 -22.24 1.35
O5 1VU E . -28.24 -23.13 2.52
O6 1VU E . -29.06 -21.16 1.12
O4 1VU E . -26.61 -21.55 1.47
C13 1VU E . -26.23 -20.51 0.57
C10 1VU E . -24.87 -19.92 0.92
C11 1VU E . -24.88 -19.45 2.38
C12 1VU E . -23.79 -21.00 0.77
C9 1VU E . -24.55 -18.74 0.01
O3 1VU E . -25.60 -17.76 0.09
C8 1VU E . -24.36 -19.17 -1.45
O2 1VU E . -25.34 -19.39 -2.16
N1 1VU E . -23.12 -19.27 -1.92
C7 1VU E . -21.98 -19.04 -1.27
C6 1VU E . -21.92 -18.63 0.05
C5 1VU E . -20.71 -18.40 0.72
O1 1VU E . -20.75 -18.09 1.90
N 1VU E . -19.59 -18.50 0.01
C4 1VU E . -18.26 -18.26 0.60
C3 1VU E . -17.31 -19.36 0.10
S 1VU E . -15.61 -19.20 0.75
C2 1VU E . -14.99 -17.91 -0.26
O 1VU E . -15.77 -17.15 -0.84
C1 1VU E . -13.48 -17.74 -0.40
C 1VU E . -13.04 -17.94 -1.86
C11 BTN F . -1.04 19.78 14.69
O11 BTN F . -1.28 18.98 13.80
O12 BTN F . -1.43 20.95 14.59
C10 BTN F . -0.26 19.35 15.93
C9 BTN F . 1.27 19.37 15.75
C8 BTN F . 1.84 17.95 15.71
C7 BTN F . 2.14 17.47 14.31
C2 BTN F . 3.59 16.99 14.08
S1 BTN F . 4.96 18.29 14.40
C6 BTN F . 6.16 17.11 13.48
C5 BTN F . 5.28 16.49 12.36
N1 BTN F . 5.43 17.46 11.15
C3 BTN F . 4.34 17.96 10.79
O3 BTN F . 4.06 18.79 9.85
N2 BTN F . 3.20 17.53 11.57
C4 BTN F . 3.79 16.56 12.62
#